data_7QHV
#
_entry.id   7QHV
#
_cell.length_a   53.215
_cell.length_b   69.589
_cell.length_c   104.574
_cell.angle_alpha   90.000
_cell.angle_beta   91.539
_cell.angle_gamma   90.000
#
_symmetry.space_group_name_H-M   'P 1 21 1'
#
loop_
_entity.id
_entity.type
_entity.pdbx_description
1 polymer 'Sulfoquinovosyl binding protein'
2 non-polymer '[(2~{S},3~{S},4~{S},5~{R},6~{S})-6-[(2~{S})-3-butanoyloxy-2-heptanoyloxy-propoxy]-3,4,5-tris(oxidanyl)oxan-2-yl]methanesulfonic acid'
3 non-polymer GLYCINE
4 water water
#
_entity_poly.entity_id   1
_entity_poly.type   'polypeptide(L)'
_entity_poly.pdbx_seq_one_letter_code
;MDAELKIFVSSQHQPDIWRKALDQYEAKTPGVKVVIETGGNTSEMQAQYLNTVMSAKDSSLDVLMLDVIRPAQFATAGWT
SDFSGKDLSAYLPTYAEANTVNGKIVALPAFADSMFLYYRKDLLDKYGIKPPTTWDELKEASKKVMEGEKNPELQGLSFQ
GKAIEGAVCTFLLPYWSEGKSLVENGKLNFDNKAAVDSLKLWKSFVDDGISKKNISEVATDDTRKEFQAGKVLFAVNWSY
AWTHFQGKESQVNDKVGVARLPAVKGGEQTTCLGGWEFGVSAYSKQQDEAKKLVEYLSSQDVSKFMAINAALLPTYAALY
KDADVTKTIPWFADALPVVETAKARPVTPRYNEVSETIRTTVNGVLAGVMTPEDGAKQMESRLRRVLRLEHHHHHH
;
_entity_poly.pdbx_strand_id   AAA,BBB
#
loop_
_chem_comp.id
_chem_comp.type
_chem_comp.name
_chem_comp.formula
CQI non-polymer '[(2~{S},3~{S},4~{S},5~{R},6~{S})-6-[(2~{S})-3-butanoyloxy-2-heptanoyloxy-propoxy]-3,4,5-tris(oxidanyl)oxan-2-yl]methanesulfonic acid' 'C32 H60 O12 S'
#
# COMPACT_ATOMS: atom_id res chain seq x y z
N ASP A 2 -17.75 14.74 -14.56
CA ASP A 2 -16.57 13.87 -14.87
C ASP A 2 -16.64 12.56 -14.07
N ALA A 3 -16.57 11.41 -14.75
CA ALA A 3 -16.43 10.08 -14.12
C ALA A 3 -15.01 9.93 -13.56
N GLU A 4 -14.88 9.41 -12.35
CA GLU A 4 -13.56 9.20 -11.71
C GLU A 4 -13.36 7.69 -11.54
N LEU A 5 -12.48 7.08 -12.34
CA LEU A 5 -12.16 5.64 -12.22
C LEU A 5 -10.98 5.49 -11.26
N LYS A 6 -11.07 4.52 -10.35
CA LYS A 6 -9.96 4.19 -9.42
C LYS A 6 -9.37 2.83 -9.84
N ILE A 7 -8.06 2.82 -10.17
CA ILE A 7 -7.33 1.57 -10.53
C ILE A 7 -6.33 1.25 -9.41
N PHE A 8 -6.41 0.03 -8.87
CA PHE A 8 -5.44 -0.52 -7.89
C PHE A 8 -4.25 -1.08 -8.68
N VAL A 9 -3.07 -0.49 -8.54
CA VAL A 9 -1.90 -0.85 -9.41
C VAL A 9 -0.92 -1.76 -8.65
N SER A 10 -0.08 -2.49 -9.40
CA SER A 10 0.80 -3.60 -8.95
C SER A 10 2.07 -3.10 -8.24
N SER A 11 2.39 -1.80 -8.29
CA SER A 11 3.63 -1.23 -7.73
C SER A 11 3.41 0.21 -7.27
N GLN A 12 4.05 0.59 -6.15
CA GLN A 12 4.20 2.00 -5.68
C GLN A 12 5.24 2.70 -6.55
N HIS A 13 6.17 1.96 -7.15
CA HIS A 13 7.38 2.53 -7.81
C HIS A 13 6.99 3.15 -9.15
N GLN A 14 7.74 4.17 -9.58
CA GLN A 14 7.62 4.84 -10.91
C GLN A 14 6.25 5.51 -11.06
N PRO A 15 5.78 6.29 -10.05
CA PRO A 15 4.44 6.88 -10.10
C PRO A 15 4.25 7.77 -11.34
N ASP A 16 5.32 8.43 -11.79
CA ASP A 16 5.34 9.34 -12.96
C ASP A 16 5.00 8.55 -14.23
N ILE A 17 5.38 7.28 -14.31
CA ILE A 17 5.16 6.45 -15.54
C ILE A 17 3.73 5.93 -15.53
N TRP A 18 3.21 5.49 -14.38
CA TRP A 18 1.76 5.18 -14.22
C TRP A 18 0.93 6.38 -14.72
N ARG A 19 1.21 7.54 -14.11
CA ARG A 19 0.50 8.81 -14.36
C ARG A 19 0.61 9.16 -15.84
N LYS A 20 1.82 9.12 -16.40
CA LYS A 20 2.09 9.38 -17.85
C LYS A 20 1.07 8.57 -18.67
N ALA A 21 0.91 7.29 -18.38
CA ALA A 21 0.08 6.37 -19.17
C ALA A 21 -1.40 6.75 -19.06
N LEU A 22 -1.84 7.08 -17.85
CA LEU A 22 -3.27 7.37 -17.56
C LEU A 22 -3.62 8.78 -18.07
N ASP A 23 -2.68 9.72 -17.97
CA ASP A 23 -2.82 11.07 -18.61
C ASP A 23 -3.11 10.89 -20.10
N GLN A 24 -2.55 9.88 -20.76
CA GLN A 24 -2.75 9.62 -22.21
C GLN A 24 -4.21 9.22 -22.43
N TYR A 25 -4.72 8.31 -21.59
CA TYR A 25 -6.14 7.89 -21.66
C TYR A 25 -7.04 9.11 -21.48
N GLU A 26 -6.82 9.90 -20.44
CA GLU A 26 -7.74 11.03 -20.12
C GLU A 26 -7.83 11.97 -21.33
N ALA A 27 -6.68 12.34 -21.90
CA ALA A 27 -6.57 13.22 -23.09
C ALA A 27 -7.40 12.67 -24.25
N LYS A 28 -7.48 11.35 -24.42
CA LYS A 28 -8.25 10.66 -25.49
C LYS A 28 -9.74 10.60 -25.13
N THR A 29 -10.09 10.70 -23.85
CA THR A 29 -11.39 10.29 -23.28
C THR A 29 -11.99 11.44 -22.47
N PRO A 30 -12.77 12.37 -23.08
CA PRO A 30 -13.39 13.45 -22.33
C PRO A 30 -14.50 12.94 -21.41
N GLY A 31 -14.58 13.53 -20.22
CA GLY A 31 -15.56 13.19 -19.18
C GLY A 31 -15.05 12.10 -18.25
N VAL A 32 -13.75 11.81 -18.28
CA VAL A 32 -13.17 10.63 -17.58
C VAL A 32 -11.79 10.98 -16.97
N LYS A 33 -11.68 10.80 -15.65
CA LYS A 33 -10.42 10.91 -14.86
C LYS A 33 -10.08 9.53 -14.31
N VAL A 34 -8.81 9.19 -14.25
CA VAL A 34 -8.38 7.92 -13.60
C VAL A 34 -7.44 8.28 -12.46
N VAL A 35 -7.73 7.78 -11.26
CA VAL A 35 -6.77 7.91 -10.14
C VAL A 35 -6.22 6.53 -9.77
N ILE A 36 -5.01 6.54 -9.20
CA ILE A 36 -4.18 5.38 -8.77
C ILE A 36 -4.39 5.16 -7.26
N GLU A 37 -4.64 3.92 -6.87
CA GLU A 37 -4.61 3.42 -5.48
C GLU A 37 -3.51 2.35 -5.41
N THR A 38 -2.63 2.42 -4.41
CA THR A 38 -1.58 1.42 -4.17
C THR A 38 -1.80 0.72 -2.81
N GLY A 39 -1.29 -0.51 -2.71
CA GLY A 39 -1.09 -1.27 -1.47
C GLY A 39 0.38 -1.64 -1.36
N GLY A 40 0.68 -2.91 -1.07
CA GLY A 40 2.08 -3.39 -1.03
C GLY A 40 2.79 -3.31 -2.38
N ASN A 41 4.09 -3.58 -2.37
CA ASN A 41 4.91 -3.75 -3.60
C ASN A 41 5.10 -5.25 -3.86
N THR A 42 4.55 -6.12 -3.02
CA THR A 42 4.63 -7.58 -3.17
C THR A 42 3.19 -8.12 -3.21
N SER A 43 3.01 -9.13 -4.07
CA SER A 43 1.71 -9.68 -4.54
C SER A 43 0.86 -10.15 -3.36
N GLU A 44 1.45 -10.73 -2.30
CA GLU A 44 0.66 -11.29 -1.17
C GLU A 44 0.19 -10.16 -0.25
N MET A 45 0.88 -9.02 -0.23
CA MET A 45 0.45 -7.86 0.62
C MET A 45 -0.75 -7.18 -0.08
N GLN A 46 -0.68 -7.06 -1.40
CA GLN A 46 -1.84 -6.67 -2.25
C GLN A 46 -2.98 -7.67 -2.03
N ALA A 47 -2.73 -8.97 -2.04
CA ALA A 47 -3.81 -9.98 -1.90
C ALA A 47 -4.56 -9.77 -0.56
N GLN A 48 -3.85 -9.68 0.55
CA GLN A 48 -4.43 -9.33 1.87
C GLN A 48 -5.33 -8.09 1.76
N TYR A 49 -4.88 -7.03 1.07
CA TYR A 49 -5.62 -5.76 0.96
C TYR A 49 -6.90 -5.99 0.18
N LEU A 50 -6.79 -6.61 -1.01
CA LEU A 50 -7.94 -6.79 -1.95
C LEU A 50 -8.92 -7.80 -1.33
N ASN A 51 -8.42 -8.86 -0.70
CA ASN A 51 -9.28 -9.82 0.02
C ASN A 51 -10.24 -9.00 0.90
N THR A 52 -9.70 -8.01 1.64
CA THR A 52 -10.45 -7.21 2.65
C THR A 52 -11.52 -6.36 1.96
N VAL A 53 -11.14 -5.56 0.95
CA VAL A 53 -12.06 -4.58 0.31
C VAL A 53 -13.10 -5.35 -0.50
N MET A 54 -12.70 -6.39 -1.23
CA MET A 54 -13.60 -7.22 -2.06
C MET A 54 -14.56 -8.02 -1.16
N SER A 55 -14.07 -8.58 -0.06
CA SER A 55 -14.93 -9.23 0.98
C SER A 55 -16.02 -8.28 1.47
N ALA A 56 -15.73 -6.98 1.60
CA ALA A 56 -16.68 -5.94 2.07
C ALA A 56 -17.55 -5.41 0.93
N LYS A 57 -17.37 -5.91 -0.30
CA LYS A 57 -18.12 -5.43 -1.49
C LYS A 57 -17.85 -3.93 -1.69
N ASP A 58 -16.62 -3.50 -1.42
CA ASP A 58 -16.19 -2.09 -1.53
C ASP A 58 -16.32 -1.69 -3.01
N SER A 59 -17.08 -0.62 -3.32
CA SER A 59 -17.36 -0.14 -4.70
C SER A 59 -16.33 0.91 -5.12
N SER A 60 -15.33 1.14 -4.28
CA SER A 60 -14.32 2.21 -4.43
C SER A 60 -13.49 1.93 -5.69
N LEU A 61 -12.92 0.73 -5.80
CA LEU A 61 -12.03 0.30 -6.91
C LEU A 61 -12.85 -0.07 -8.14
N ASP A 62 -12.43 0.43 -9.31
CA ASP A 62 -13.06 0.09 -10.61
C ASP A 62 -12.25 -1.01 -11.31
N VAL A 63 -10.95 -0.77 -11.44
CA VAL A 63 -10.00 -1.70 -12.12
C VAL A 63 -8.96 -2.14 -11.08
N LEU A 64 -8.70 -3.45 -11.07
CA LEU A 64 -7.72 -4.13 -10.20
C LEU A 64 -6.62 -4.70 -11.09
N MET A 65 -5.37 -4.37 -10.79
CA MET A 65 -4.23 -5.11 -11.37
C MET A 65 -4.06 -6.33 -10.49
N LEU A 66 -4.10 -7.51 -11.10
CA LEU A 66 -4.02 -8.84 -10.44
C LEU A 66 -2.90 -9.67 -11.06
N ASP A 67 -2.12 -10.26 -10.16
CA ASP A 67 -1.01 -11.18 -10.45
C ASP A 67 -1.62 -12.38 -11.17
N VAL A 68 -0.81 -13.04 -11.99
CA VAL A 68 -1.24 -14.13 -12.91
C VAL A 68 -1.84 -15.30 -12.12
N ILE A 69 -1.63 -15.36 -10.81
CA ILE A 69 -2.11 -16.45 -9.89
C ILE A 69 -3.46 -16.12 -9.24
N ARG A 70 -4.10 -14.97 -9.56
CA ARG A 70 -5.36 -14.51 -8.90
C ARG A 70 -6.64 -14.98 -9.60
N PRO A 71 -6.68 -15.15 -10.95
CA PRO A 71 -7.94 -15.36 -11.66
C PRO A 71 -8.86 -16.46 -11.12
N ALA A 72 -8.28 -17.55 -10.60
CA ALA A 72 -9.02 -18.70 -10.07
C ALA A 72 -9.86 -18.24 -8.87
N GLN A 73 -9.23 -17.64 -7.84
CA GLN A 73 -9.93 -17.02 -6.68
C GLN A 73 -10.95 -15.96 -7.15
N PHE A 74 -10.55 -15.02 -8.00
CA PHE A 74 -11.40 -13.85 -8.35
C PHE A 74 -12.67 -14.31 -9.10
N ALA A 75 -12.56 -15.30 -9.98
CA ALA A 75 -13.71 -15.84 -10.76
C ALA A 75 -14.69 -16.54 -9.81
N THR A 76 -14.20 -17.44 -8.93
CA THR A 76 -15.03 -18.34 -8.10
C THR A 76 -15.69 -17.54 -6.98
N ALA A 77 -15.01 -16.50 -6.47
CA ALA A 77 -15.54 -15.53 -5.48
C ALA A 77 -16.46 -14.50 -6.17
N GLY A 78 -16.49 -14.43 -7.48
CA GLY A 78 -17.35 -13.45 -8.19
C GLY A 78 -16.89 -12.01 -8.01
N TRP A 79 -15.58 -11.78 -7.85
CA TRP A 79 -15.03 -10.43 -7.56
C TRP A 79 -14.74 -9.66 -8.84
N THR A 80 -14.78 -10.30 -10.02
CA THR A 80 -14.58 -9.56 -11.29
C THR A 80 -15.81 -9.73 -12.17
N SER A 81 -15.99 -8.78 -13.09
CA SER A 81 -17.00 -8.78 -14.18
C SER A 81 -16.34 -9.43 -15.40
N ASP A 82 -16.93 -10.52 -15.89
CA ASP A 82 -16.46 -11.29 -17.06
C ASP A 82 -16.41 -10.37 -18.28
N PHE A 83 -15.43 -10.55 -19.15
CA PHE A 83 -15.47 -9.97 -20.52
C PHE A 83 -16.27 -10.93 -21.39
N SER A 84 -17.49 -10.51 -21.73
CA SER A 84 -18.53 -11.32 -22.42
C SER A 84 -18.48 -11.03 -23.92
N LYS A 86 -15.54 -12.72 -25.44
CA LYS A 86 -14.29 -11.95 -25.67
C LYS A 86 -13.19 -12.92 -26.15
N ASP A 87 -12.42 -12.52 -27.17
CA ASP A 87 -11.40 -13.37 -27.80
C ASP A 87 -10.04 -12.92 -27.30
N LEU A 88 -9.32 -13.80 -26.59
CA LEU A 88 -7.98 -13.50 -26.04
C LEU A 88 -6.89 -13.89 -27.05
N SER A 89 -7.26 -14.15 -28.32
CA SER A 89 -6.35 -14.72 -29.36
C SER A 89 -5.30 -13.70 -29.78
N ALA A 90 -5.49 -12.42 -29.50
CA ALA A 90 -4.47 -11.36 -29.76
C ALA A 90 -3.28 -11.56 -28.79
N TYR A 91 -3.48 -12.20 -27.64
CA TYR A 91 -2.48 -12.28 -26.55
C TYR A 91 -1.73 -13.62 -26.64
N LEU A 92 -0.55 -13.76 -26.00
CA LEU A 92 0.13 -15.07 -25.78
C LEU A 92 -0.90 -16.04 -25.21
N PRO A 93 -1.05 -17.27 -25.80
CA PRO A 93 -1.99 -18.27 -25.29
C PRO A 93 -1.79 -18.66 -23.83
N THR A 94 -0.56 -18.59 -23.31
CA THR A 94 -0.33 -18.93 -21.89
C THR A 94 -1.13 -17.95 -21.02
N TYR A 95 -1.22 -16.70 -21.45
CA TYR A 95 -1.95 -15.62 -20.74
C TYR A 95 -3.45 -15.71 -21.04
N ALA A 96 -3.86 -16.11 -22.25
CA ALA A 96 -5.29 -16.32 -22.59
C ALA A 96 -5.85 -17.40 -21.65
N GLU A 97 -5.09 -18.50 -21.51
CA GLU A 97 -5.36 -19.64 -20.60
C GLU A 97 -5.38 -19.18 -19.12
N ALA A 98 -4.36 -18.47 -18.65
CA ALA A 98 -4.34 -17.92 -17.25
C ALA A 98 -5.59 -17.10 -16.95
N ASN A 99 -6.09 -16.29 -17.89
CA ASN A 99 -7.22 -15.35 -17.63
C ASN A 99 -8.57 -15.96 -18.05
N THR A 100 -8.59 -17.25 -18.40
CA THR A 100 -9.83 -18.02 -18.65
C THR A 100 -10.02 -18.98 -17.46
N VAL A 101 -11.19 -18.97 -16.82
CA VAL A 101 -11.53 -19.84 -15.66
C VAL A 101 -12.94 -20.38 -15.90
N ASN A 102 -13.10 -21.70 -15.95
CA ASN A 102 -14.36 -22.38 -16.36
C ASN A 102 -14.94 -21.67 -17.58
N GLY A 103 -14.10 -21.25 -18.54
CA GLY A 103 -14.50 -20.71 -19.85
C GLY A 103 -14.92 -19.25 -19.82
N LYS A 104 -14.91 -18.63 -18.63
CA LYS A 104 -15.21 -17.19 -18.41
C LYS A 104 -13.91 -16.38 -18.60
N ILE A 105 -13.92 -15.28 -19.34
CA ILE A 105 -12.77 -14.34 -19.41
C ILE A 105 -12.83 -13.43 -18.16
N VAL A 106 -11.90 -13.61 -17.21
CA VAL A 106 -11.93 -13.00 -15.85
C VAL A 106 -11.33 -11.59 -15.85
N ALA A 107 -10.47 -11.29 -16.84
CA ALA A 107 -9.57 -10.12 -16.86
C ALA A 107 -8.83 -10.12 -18.20
N LEU A 108 -8.28 -8.99 -18.60
CA LEU A 108 -7.48 -8.88 -19.85
C LEU A 108 -6.00 -8.84 -19.47
N PRO A 109 -5.11 -9.61 -20.13
CA PRO A 109 -3.69 -9.53 -19.86
C PRO A 109 -3.15 -8.09 -19.84
N ALA A 110 -2.34 -7.74 -18.83
CA ALA A 110 -1.72 -6.41 -18.67
C ALA A 110 -0.28 -6.48 -19.19
N PHE A 111 0.56 -7.35 -18.59
CA PHE A 111 1.91 -7.62 -19.13
C PHE A 111 2.36 -9.02 -18.73
N ALA A 112 3.29 -9.55 -19.52
CA ALA A 112 3.93 -10.84 -19.27
C ALA A 112 5.05 -10.68 -18.24
N ASP A 113 5.50 -11.77 -17.63
CA ASP A 113 6.71 -11.76 -16.80
C ASP A 113 7.24 -13.18 -16.68
N SER A 114 8.55 -13.34 -16.46
CA SER A 114 9.24 -14.60 -16.05
C SER A 114 10.52 -14.22 -15.32
N MET A 115 11.10 -15.17 -14.61
CA MET A 115 12.38 -14.96 -13.92
C MET A 115 13.52 -15.20 -14.91
N PHE A 116 14.50 -14.32 -14.88
CA PHE A 116 15.77 -14.43 -15.62
C PHE A 116 16.94 -14.41 -14.63
N LEU A 117 18.05 -14.93 -15.11
CA LEU A 117 19.35 -14.76 -14.44
C LEU A 117 19.94 -13.46 -14.95
N TYR A 118 19.97 -12.44 -14.09
CA TYR A 118 20.78 -11.23 -14.33
C TYR A 118 22.21 -11.58 -13.90
N TYR A 119 23.20 -11.12 -14.67
CA TYR A 119 24.64 -11.36 -14.38
C TYR A 119 25.45 -10.12 -14.77
N ARG A 120 26.52 -9.88 -14.02
CA ARG A 120 27.46 -8.77 -14.29
C ARG A 120 28.39 -9.28 -15.39
N LYS A 121 28.11 -8.92 -16.63
CA LYS A 121 28.86 -9.46 -17.78
C LYS A 121 30.28 -8.86 -17.81
N ASP A 122 30.48 -7.71 -17.16
CA ASP A 122 31.84 -7.10 -16.98
C ASP A 122 32.68 -8.08 -16.16
N LEU A 123 32.09 -8.67 -15.12
CA LEU A 123 32.82 -9.58 -14.18
C LEU A 123 33.02 -10.93 -14.87
N LEU A 124 32.00 -11.46 -15.56
CA LEU A 124 32.14 -12.72 -16.34
C LEU A 124 33.19 -12.57 -17.45
N ASP A 125 33.22 -11.46 -18.17
CA ASP A 125 34.18 -11.24 -19.28
C ASP A 125 35.60 -11.17 -18.71
N LYS A 126 35.80 -10.39 -17.64
CA LYS A 126 37.11 -10.23 -16.97
C LYS A 126 37.73 -11.59 -16.66
N TYR A 127 36.92 -12.57 -16.26
CA TYR A 127 37.37 -13.92 -15.83
C TYR A 127 37.19 -14.95 -16.95
N GLY A 128 36.64 -14.55 -18.10
CA GLY A 128 36.42 -15.42 -19.27
C GLY A 128 35.40 -16.51 -18.99
N ILE A 129 34.42 -16.26 -18.12
CA ILE A 129 33.35 -17.24 -17.75
C ILE A 129 32.15 -17.12 -18.69
N LYS A 130 31.61 -18.24 -19.18
CA LYS A 130 30.33 -18.28 -19.92
C LYS A 130 29.20 -18.21 -18.88
N PRO A 131 28.01 -17.66 -19.22
CA PRO A 131 26.88 -17.69 -18.29
C PRO A 131 26.52 -19.11 -17.90
N PRO A 132 26.30 -19.39 -16.60
CA PRO A 132 26.09 -20.77 -16.15
C PRO A 132 24.71 -21.28 -16.60
N THR A 133 24.66 -22.54 -17.02
CA THR A 133 23.44 -23.26 -17.45
C THR A 133 22.98 -24.23 -16.36
N THR A 134 23.75 -24.43 -15.30
CA THR A 134 23.31 -25.25 -14.13
C THR A 134 23.74 -24.54 -12.85
N TRP A 135 23.09 -24.84 -11.73
CA TRP A 135 23.36 -24.18 -10.42
C TRP A 135 24.79 -24.50 -10.00
N ASP A 136 25.27 -25.70 -10.31
CA ASP A 136 26.66 -26.17 -10.06
C ASP A 136 27.61 -25.25 -10.84
N GLU A 137 27.37 -25.01 -12.13
CA GLU A 137 28.20 -24.05 -12.91
C GLU A 137 28.12 -22.65 -12.28
N LEU A 138 26.99 -22.30 -11.67
CA LEU A 138 26.80 -20.93 -11.12
C LEU A 138 27.66 -20.78 -9.85
N LYS A 139 27.70 -21.84 -9.03
CA LYS A 139 28.56 -21.90 -7.81
C LYS A 139 30.03 -21.83 -8.23
N GLU A 140 30.46 -22.57 -9.26
CA GLU A 140 31.88 -22.55 -9.72
C GLU A 140 32.22 -21.15 -10.27
N ALA A 141 31.32 -20.55 -11.04
CA ALA A 141 31.45 -19.17 -11.58
C ALA A 141 31.58 -18.16 -10.43
N SER A 142 30.71 -18.26 -9.42
CA SER A 142 30.69 -17.38 -8.22
C SER A 142 32.02 -17.47 -7.48
N LYS A 143 32.52 -18.69 -7.20
CA LYS A 143 33.80 -18.92 -6.46
C LYS A 143 34.96 -18.25 -7.21
N LYS A 144 35.04 -18.49 -8.52
CA LYS A 144 36.10 -17.94 -9.41
C LYS A 144 36.02 -16.41 -9.39
N VAL A 145 34.83 -15.80 -9.53
CA VAL A 145 34.75 -14.32 -9.60
C VAL A 145 35.07 -13.75 -8.22
N MET A 146 34.46 -14.29 -7.16
CA MET A 146 34.57 -13.68 -5.80
C MET A 146 35.99 -13.86 -5.26
N GLU A 147 36.68 -14.93 -5.65
CA GLU A 147 38.06 -15.25 -5.17
C GLU A 147 39.05 -14.25 -5.81
N GLY A 148 38.83 -13.86 -7.07
CA GLY A 148 39.70 -12.89 -7.76
C GLY A 148 39.41 -11.45 -7.35
N GLU A 149 38.15 -11.09 -7.07
CA GLU A 149 37.76 -9.68 -6.75
C GLU A 149 38.22 -9.34 -5.34
N LYS A 150 38.17 -10.31 -4.43
CA LYS A 150 38.55 -10.12 -3.00
C LYS A 150 37.77 -8.89 -2.51
N ASN A 151 36.51 -8.79 -2.92
CA ASN A 151 35.58 -7.70 -2.52
C ASN A 151 34.63 -8.26 -1.46
N PRO A 152 34.76 -7.91 -0.16
CA PRO A 152 33.89 -8.46 0.88
C PRO A 152 32.38 -8.18 0.72
N GLU A 153 32.00 -7.22 -0.11
CA GLU A 153 30.57 -6.84 -0.33
C GLU A 153 30.02 -7.56 -1.56
N LEU A 154 30.82 -8.32 -2.33
CA LEU A 154 30.30 -8.92 -3.59
C LEU A 154 29.59 -10.22 -3.22
N GLN A 155 28.27 -10.27 -3.43
CA GLN A 155 27.47 -11.51 -3.23
C GLN A 155 27.56 -12.32 -4.54
N GLY A 156 27.74 -13.63 -4.46
CA GLY A 156 27.65 -14.51 -5.65
C GLY A 156 26.24 -14.52 -6.26
N LEU A 157 25.21 -14.75 -5.43
CA LEU A 157 23.82 -15.00 -5.90
C LEU A 157 22.83 -14.35 -4.93
N SER A 158 21.99 -13.45 -5.45
CA SER A 158 20.79 -12.89 -4.80
C SER A 158 19.55 -13.60 -5.35
N PHE A 159 18.73 -14.11 -4.45
CA PHE A 159 17.40 -14.66 -4.77
C PHE A 159 16.47 -14.35 -3.61
N GLN A 160 15.18 -14.65 -3.78
CA GLN A 160 14.16 -14.17 -2.83
C GLN A 160 13.88 -15.31 -1.85
N GLY A 161 14.36 -15.12 -0.62
CA GLY A 161 14.08 -16.00 0.52
C GLY A 161 13.17 -15.38 1.57
N LYS A 162 12.74 -14.13 1.39
CA LYS A 162 11.74 -13.50 2.30
C LYS A 162 10.38 -14.19 2.11
N ALA A 163 9.54 -14.23 3.16
CA ALA A 163 8.22 -14.92 3.14
C ALA A 163 7.26 -14.15 2.23
N ILE A 164 7.60 -13.97 0.96
CA ILE A 164 6.81 -13.19 -0.03
C ILE A 164 6.42 -14.14 -1.15
N GLU A 165 5.52 -13.69 -2.04
CA GLU A 165 5.03 -14.54 -3.16
C GLU A 165 6.26 -15.06 -3.90
N GLY A 166 7.23 -14.18 -4.20
CA GLY A 166 8.46 -14.52 -4.93
C GLY A 166 9.11 -15.81 -4.44
N ALA A 167 9.03 -16.11 -3.13
CA ALA A 167 9.71 -17.29 -2.54
C ALA A 167 9.05 -18.59 -2.99
N VAL A 168 7.77 -18.50 -3.37
CA VAL A 168 7.00 -19.61 -4.01
C VAL A 168 7.70 -19.95 -5.32
N CYS A 169 7.98 -18.90 -6.12
CA CYS A 169 8.79 -18.98 -7.36
C CYS A 169 10.16 -19.57 -7.02
N THR A 170 10.87 -19.04 -6.03
CA THR A 170 12.18 -19.57 -5.61
C THR A 170 12.10 -21.10 -5.43
N PHE A 171 11.15 -21.56 -4.61
CA PHE A 171 10.98 -22.99 -4.27
C PHE A 171 10.79 -23.84 -5.52
N LEU A 172 9.95 -23.40 -6.46
CA LEU A 172 9.50 -24.22 -7.62
C LEU A 172 10.59 -24.30 -8.69
N LEU A 173 11.50 -23.33 -8.81
CA LEU A 173 12.55 -23.38 -9.85
C LEU A 173 13.26 -24.74 -9.87
N PRO A 174 13.94 -25.19 -8.80
CA PRO A 174 14.65 -26.47 -8.87
C PRO A 174 13.67 -27.64 -9.01
N TYR A 175 12.50 -27.56 -8.35
CA TYR A 175 11.48 -28.64 -8.38
C TYR A 175 11.02 -28.85 -9.83
N TRP A 176 10.75 -27.78 -10.56
CA TRP A 176 10.38 -27.86 -11.99
C TRP A 176 11.57 -28.38 -12.82
N SER A 177 12.82 -27.98 -12.50
CA SER A 177 14.03 -28.25 -13.32
C SER A 177 14.20 -29.77 -13.41
N GLU A 178 13.93 -30.44 -12.28
CA GLU A 178 13.98 -31.91 -12.14
C GLU A 178 12.76 -32.55 -12.82
N GLY A 179 11.97 -31.78 -13.56
CA GLY A 179 10.87 -32.29 -14.41
C GLY A 179 9.65 -32.69 -13.59
N LYS A 180 9.52 -32.23 -12.34
CA LYS A 180 8.35 -32.54 -11.47
C LYS A 180 7.29 -31.46 -11.64
N SER A 181 6.05 -31.84 -11.36
CA SER A 181 4.84 -30.99 -11.44
C SER A 181 4.12 -31.11 -10.09
N LEU A 182 3.45 -30.04 -9.67
CA LEU A 182 2.85 -29.90 -8.31
C LEU A 182 1.37 -30.29 -8.35
N VAL A 183 0.80 -30.47 -9.55
CA VAL A 183 -0.64 -30.71 -9.81
C VAL A 183 -0.75 -31.66 -11.02
N GLU A 184 -1.32 -32.86 -10.83
CA GLU A 184 -1.64 -33.85 -11.90
C GLU A 184 -3.07 -34.37 -11.69
N ASN A 185 -3.95 -34.20 -12.69
CA ASN A 185 -5.39 -34.57 -12.65
C ASN A 185 -6.08 -33.86 -11.47
N GLY A 186 -5.94 -32.54 -11.36
CA GLY A 186 -6.73 -31.66 -10.48
C GLY A 186 -6.33 -31.72 -9.00
N LYS A 187 -5.44 -32.64 -8.63
CA LYS A 187 -5.02 -32.89 -7.22
C LYS A 187 -3.50 -32.72 -7.11
N LEU A 188 -3.01 -32.47 -5.88
CA LEU A 188 -1.58 -32.34 -5.55
C LEU A 188 -0.83 -33.62 -5.98
N ASN A 189 0.29 -33.42 -6.68
CA ASN A 189 1.29 -34.45 -7.02
C ASN A 189 2.62 -33.94 -6.45
N PHE A 190 3.04 -34.50 -5.33
CA PHE A 190 4.16 -33.94 -4.53
C PHE A 190 5.34 -34.90 -4.55
N ASP A 191 6.47 -34.47 -5.09
CA ASP A 191 7.71 -35.29 -5.10
C ASP A 191 8.63 -34.82 -3.97
N ASN A 192 8.71 -35.61 -2.89
CA ASN A 192 9.38 -35.19 -1.63
C ASN A 192 10.89 -34.99 -1.86
N LYS A 193 11.56 -35.92 -2.53
CA LYS A 193 13.02 -35.85 -2.82
C LYS A 193 13.28 -34.52 -3.51
N ALA A 194 12.44 -34.20 -4.51
CA ALA A 194 12.55 -33.00 -5.36
C ALA A 194 12.30 -31.74 -4.52
N ALA A 195 11.40 -31.81 -3.54
CA ALA A 195 11.04 -30.69 -2.64
C ALA A 195 12.17 -30.47 -1.64
N VAL A 196 12.64 -31.55 -1.03
CA VAL A 196 13.79 -31.55 -0.09
C VAL A 196 15.00 -30.92 -0.80
N ASP A 197 15.21 -31.28 -2.06
CA ASP A 197 16.41 -30.92 -2.86
C ASP A 197 16.35 -29.45 -3.27
N SER A 198 15.16 -28.93 -3.56
CA SER A 198 14.94 -27.48 -3.80
C SER A 198 15.41 -26.72 -2.55
N LEU A 199 14.82 -27.05 -1.39
CA LEU A 199 15.09 -26.34 -0.11
C LEU A 199 16.57 -26.51 0.28
N LYS A 200 17.12 -27.71 0.05
CA LYS A 200 18.57 -28.02 0.26
C LYS A 200 19.42 -27.12 -0.63
N LEU A 201 19.05 -26.94 -1.89
CA LEU A 201 19.88 -26.16 -2.85
C LEU A 201 19.96 -24.72 -2.36
N TRP A 202 18.82 -24.12 -2.03
CA TRP A 202 18.76 -22.68 -1.63
C TRP A 202 19.59 -22.52 -0.35
N LYS A 203 19.50 -23.45 0.59
CA LYS A 203 20.31 -23.44 1.84
C LYS A 203 21.83 -23.49 1.53
N SER A 204 22.26 -24.26 0.54
CA SER A 204 23.68 -24.59 0.25
C SER A 204 24.42 -23.34 -0.24
N PHE A 205 23.71 -22.49 -0.98
CA PHE A 205 24.16 -21.14 -1.40
C PHE A 205 24.56 -20.32 -0.17
N VAL A 206 23.74 -20.35 0.88
CA VAL A 206 24.01 -19.61 2.16
C VAL A 206 25.18 -20.31 2.87
N ASP A 207 25.08 -21.61 3.12
CA ASP A 207 26.12 -22.41 3.81
C ASP A 207 27.47 -22.25 3.08
N ASP A 208 27.49 -22.19 1.75
CA ASP A 208 28.75 -22.07 0.95
C ASP A 208 29.26 -20.63 0.94
N GLY A 209 28.43 -19.66 1.30
CA GLY A 209 28.79 -18.22 1.26
C GLY A 209 28.71 -17.67 -0.15
N ILE A 210 28.03 -18.38 -1.06
CA ILE A 210 27.66 -17.85 -2.40
C ILE A 210 26.55 -16.81 -2.24
N SER A 211 25.67 -17.06 -1.28
CA SER A 211 24.57 -16.15 -0.89
C SER A 211 24.83 -15.66 0.54
N LYS A 212 24.38 -14.46 0.86
CA LYS A 212 24.62 -13.83 2.18
C LYS A 212 23.75 -14.51 3.24
N LYS A 213 24.22 -14.44 4.49
CA LYS A 213 23.69 -15.18 5.66
C LYS A 213 22.21 -14.87 5.84
N ASN A 214 21.78 -13.64 5.50
CA ASN A 214 20.40 -13.15 5.72
C ASN A 214 19.61 -13.09 4.41
N ILE A 215 19.78 -14.05 3.50
CA ILE A 215 18.99 -14.12 2.23
C ILE A 215 17.51 -14.37 2.61
N SER A 216 17.23 -14.90 3.80
CA SER A 216 15.81 -15.07 4.25
C SER A 216 15.13 -13.71 4.43
N GLU A 217 15.87 -12.59 4.34
CA GLU A 217 15.36 -11.21 4.53
C GLU A 217 15.25 -10.51 3.16
N VAL A 218 15.49 -11.21 2.05
CA VAL A 218 15.65 -10.53 0.73
C VAL A 218 14.36 -10.68 -0.07
N ALA A 219 13.68 -9.56 -0.31
CA ALA A 219 12.51 -9.46 -1.23
C ALA A 219 12.97 -9.12 -2.65
N THR A 220 12.04 -9.27 -3.60
CA THR A 220 12.25 -8.99 -5.03
C THR A 220 13.06 -7.69 -5.20
N ASP A 221 12.65 -6.61 -4.57
CA ASP A 221 13.23 -5.28 -4.89
C ASP A 221 14.55 -5.12 -4.13
N ASP A 222 14.77 -5.90 -3.06
CA ASP A 222 16.09 -6.00 -2.35
C ASP A 222 17.12 -6.51 -3.38
N THR A 223 16.84 -7.65 -4.03
CA THR A 223 17.74 -8.24 -5.06
C THR A 223 18.07 -7.18 -6.09
N ARG A 224 17.05 -6.51 -6.60
CA ARG A 224 17.18 -5.44 -7.63
C ARG A 224 18.12 -4.32 -7.14
N LYS A 225 17.87 -3.78 -5.95
CA LYS A 225 18.66 -2.67 -5.38
C LYS A 225 20.11 -3.10 -5.24
N GLU A 226 20.34 -4.32 -4.71
CA GLU A 226 21.71 -4.76 -4.36
C GLU A 226 22.49 -5.01 -5.66
N PHE A 227 21.84 -5.55 -6.71
CA PHE A 227 22.48 -5.78 -8.03
C PHE A 227 22.75 -4.42 -8.68
N GLN A 228 21.78 -3.53 -8.58
CA GLN A 228 21.86 -2.17 -9.17
C GLN A 228 23.05 -1.46 -8.50
N ALA A 229 23.23 -1.64 -7.19
CA ALA A 229 24.26 -0.95 -6.39
C ALA A 229 25.63 -1.55 -6.70
N GLY A 230 25.67 -2.66 -7.43
CA GLY A 230 26.89 -3.27 -7.99
C GLY A 230 27.48 -4.29 -7.03
N LYS A 231 26.66 -4.82 -6.12
CA LYS A 231 27.09 -5.68 -4.99
C LYS A 231 26.71 -7.14 -5.26
N VAL A 232 26.24 -7.49 -6.46
CA VAL A 232 25.76 -8.87 -6.76
C VAL A 232 26.23 -9.36 -8.13
N LEU A 233 26.76 -10.59 -8.19
CA LEU A 233 27.24 -11.20 -9.46
C LEU A 233 26.09 -11.72 -10.30
N PHE A 234 25.25 -12.52 -9.65
CA PHE A 234 24.13 -13.27 -10.23
C PHE A 234 22.86 -12.94 -9.43
N ALA A 235 21.76 -12.61 -10.12
CA ALA A 235 20.50 -12.15 -9.52
C ALA A 235 19.33 -12.82 -10.24
N VAL A 236 18.55 -13.62 -9.50
CA VAL A 236 17.22 -14.10 -9.94
C VAL A 236 16.26 -12.91 -9.85
N ASN A 237 15.66 -12.49 -10.96
CA ASN A 237 14.64 -11.41 -10.88
C ASN A 237 13.77 -11.40 -12.13
N TRP A 238 12.81 -10.47 -12.15
CA TRP A 238 11.82 -10.34 -13.25
C TRP A 238 12.31 -9.29 -14.23
N SER A 239 11.57 -9.01 -15.28
CA SER A 239 11.97 -8.16 -16.43
C SER A 239 12.02 -6.69 -16.03
N TYR A 240 11.16 -6.22 -15.11
CA TYR A 240 11.08 -4.78 -14.68
C TYR A 240 12.46 -4.27 -14.21
N ALA A 241 13.30 -5.12 -13.59
CA ALA A 241 14.58 -4.67 -12.99
C ALA A 241 15.52 -4.07 -14.04
N TRP A 242 15.37 -4.43 -15.33
CA TRP A 242 16.28 -3.99 -16.42
C TRP A 242 16.30 -2.46 -16.53
N THR A 243 15.17 -1.78 -16.36
CA THR A 243 15.15 -0.31 -16.59
C THR A 243 15.84 0.40 -15.42
N HIS A 244 15.70 -0.12 -14.19
CA HIS A 244 16.46 0.39 -13.01
C HIS A 244 17.97 0.26 -13.24
N PHE A 245 18.45 -0.84 -13.80
CA PHE A 245 19.91 -1.15 -13.94
C PHE A 245 20.54 -0.32 -15.06
N GLN A 246 19.72 0.11 -16.01
CA GLN A 246 20.15 0.93 -17.17
C GLN A 246 19.72 2.38 -16.92
N GLY A 247 19.08 2.65 -15.79
CA GLY A 247 18.56 3.97 -15.41
C GLY A 247 19.62 4.88 -14.80
N LYS A 248 19.18 5.93 -14.13
CA LYS A 248 19.96 7.13 -13.73
C LYS A 248 20.67 6.88 -12.41
N GLU A 249 20.15 6.01 -11.53
CA GLU A 249 20.68 5.87 -10.15
C GLU A 249 21.30 4.47 -9.98
N SER A 250 22.04 3.99 -10.99
CA SER A 250 22.56 2.61 -11.10
C SER A 250 24.10 2.60 -11.21
N GLN A 251 24.75 1.54 -10.72
CA GLN A 251 26.22 1.31 -10.86
C GLN A 251 26.51 0.21 -11.89
N VAL A 252 25.54 -0.19 -12.70
CA VAL A 252 25.70 -1.41 -13.55
C VAL A 252 25.25 -1.12 -14.98
N ASN A 253 25.03 0.15 -15.31
CA ASN A 253 24.74 0.60 -16.70
C ASN A 253 25.76 -0.05 -17.61
N ASP A 254 25.29 -0.78 -18.63
CA ASP A 254 26.13 -1.40 -19.69
C ASP A 254 26.85 -2.65 -19.18
N LYS A 255 26.59 -3.08 -17.95
CA LYS A 255 27.36 -4.14 -17.28
C LYS A 255 26.49 -5.38 -17.07
N VAL A 256 25.28 -5.42 -17.66
CA VAL A 256 24.27 -6.46 -17.32
C VAL A 256 23.97 -7.32 -18.56
N GLY A 257 24.16 -8.63 -18.43
CA GLY A 257 23.64 -9.63 -19.37
C GLY A 257 22.42 -10.32 -18.78
N VAL A 258 21.60 -10.91 -19.64
CA VAL A 258 20.38 -11.65 -19.19
C VAL A 258 20.47 -13.04 -19.81
N ALA A 259 20.21 -14.08 -19.03
CA ALA A 259 20.24 -15.49 -19.44
C ALA A 259 19.02 -16.18 -18.84
N ARG A 260 18.75 -17.37 -19.34
CA ARG A 260 17.73 -18.27 -18.75
C ARG A 260 18.28 -18.69 -17.38
N LEU A 261 17.37 -19.03 -16.45
CA LEU A 261 17.79 -19.52 -15.13
C LEU A 261 18.54 -20.83 -15.36
N PRO A 262 19.61 -21.12 -14.58
CA PRO A 262 20.24 -22.42 -14.62
C PRO A 262 19.30 -23.54 -14.18
N ALA A 263 19.60 -24.76 -14.67
CA ALA A 263 18.91 -26.01 -14.30
C ALA A 263 19.61 -26.61 -13.10
N VAL A 264 18.89 -27.45 -12.36
CA VAL A 264 19.59 -28.50 -11.56
C VAL A 264 20.34 -29.36 -12.59
N LYS A 265 21.58 -29.76 -12.27
CA LYS A 265 22.43 -30.60 -13.14
C LYS A 265 21.58 -31.76 -13.63
N GLY A 266 21.49 -31.93 -14.94
CA GLY A 266 20.72 -33.00 -15.58
C GLY A 266 19.28 -32.60 -15.85
N GLY A 267 18.85 -31.42 -15.38
CA GLY A 267 17.45 -30.99 -15.48
C GLY A 267 17.22 -29.95 -16.57
N GLU A 268 16.05 -29.32 -16.53
CA GLU A 268 15.56 -28.37 -17.56
C GLU A 268 15.77 -26.95 -17.05
N GLN A 269 16.12 -26.05 -17.96
CA GLN A 269 16.25 -24.59 -17.73
C GLN A 269 14.84 -24.03 -17.78
N THR A 270 14.11 -24.25 -16.70
CA THR A 270 12.72 -23.81 -16.50
C THR A 270 12.74 -22.47 -15.77
N THR A 271 11.67 -21.69 -15.87
CA THR A 271 11.45 -20.43 -15.10
C THR A 271 9.99 -20.35 -14.64
N CYS A 272 9.66 -19.42 -13.75
CA CYS A 272 8.28 -19.18 -13.24
C CYS A 272 7.54 -18.25 -14.20
N LEU A 273 6.33 -18.64 -14.64
CA LEU A 273 5.40 -17.69 -15.32
C LEU A 273 4.98 -16.63 -14.30
N GLY A 274 5.24 -15.35 -14.63
CA GLY A 274 4.68 -14.21 -13.87
C GLY A 274 3.77 -13.38 -14.75
N GLY A 275 3.57 -12.13 -14.38
CA GLY A 275 2.72 -11.19 -15.14
C GLY A 275 1.40 -10.93 -14.45
N TRP A 276 0.73 -9.90 -14.96
CA TRP A 276 -0.41 -9.25 -14.31
C TRP A 276 -1.50 -9.04 -15.37
N GLU A 277 -2.74 -9.01 -14.90
CA GLU A 277 -3.92 -8.71 -15.73
C GLU A 277 -4.69 -7.53 -15.12
N PHE A 278 -5.63 -7.01 -15.91
CA PHE A 278 -6.59 -5.95 -15.53
C PHE A 278 -7.96 -6.60 -15.35
N GLY A 279 -8.45 -6.62 -14.10
CA GLY A 279 -9.81 -7.01 -13.74
C GLY A 279 -10.69 -5.79 -13.56
N VAL A 280 -11.91 -5.83 -14.07
CA VAL A 280 -12.98 -4.87 -13.68
C VAL A 280 -13.62 -5.41 -12.40
N SER A 281 -13.72 -4.62 -11.33
CA SER A 281 -14.37 -5.06 -10.06
C SER A 281 -15.86 -5.31 -10.32
N ALA A 282 -16.38 -6.45 -9.85
CA ALA A 282 -17.82 -6.79 -9.81
C ALA A 282 -18.60 -5.69 -9.08
N TYR A 283 -17.98 -4.96 -8.16
CA TYR A 283 -18.63 -3.99 -7.23
C TYR A 283 -18.51 -2.53 -7.75
N SER A 284 -17.80 -2.33 -8.85
CA SER A 284 -17.65 -1.01 -9.51
C SER A 284 -19.04 -0.51 -9.92
N LYS A 285 -19.34 0.74 -9.60
CA LYS A 285 -20.58 1.44 -10.05
C LYS A 285 -20.43 1.87 -11.52
N GLN A 286 -19.22 1.73 -12.10
CA GLN A 286 -18.84 2.28 -13.42
C GLN A 286 -18.33 1.16 -14.34
N GLN A 287 -19.13 0.10 -14.46
CA GLN A 287 -18.79 -1.14 -15.21
C GLN A 287 -18.24 -0.81 -16.61
N ASP A 288 -18.91 0.07 -17.34
CA ASP A 288 -18.72 0.20 -18.81
C ASP A 288 -17.48 1.06 -19.03
N GLU A 289 -17.34 2.11 -18.23
CA GLU A 289 -16.16 3.01 -18.29
C GLU A 289 -14.93 2.22 -17.84
N ALA A 290 -15.08 1.35 -16.85
CA ALA A 290 -13.95 0.54 -16.32
C ALA A 290 -13.50 -0.44 -17.41
N LYS A 291 -14.47 -1.05 -18.11
CA LYS A 291 -14.19 -1.99 -19.23
C LYS A 291 -13.47 -1.24 -20.35
N LYS A 292 -13.86 0.00 -20.63
CA LYS A 292 -13.27 0.79 -21.73
C LYS A 292 -11.83 1.10 -21.37
N LEU A 293 -11.56 1.43 -20.12
CA LEU A 293 -10.18 1.71 -19.64
C LEU A 293 -9.33 0.45 -19.84
N VAL A 294 -9.83 -0.68 -19.34
CA VAL A 294 -9.12 -1.98 -19.46
C VAL A 294 -8.84 -2.30 -20.94
N GLU A 295 -9.81 -2.09 -21.85
CA GLU A 295 -9.60 -2.30 -23.32
C GLU A 295 -8.38 -1.52 -23.78
N TYR A 296 -8.26 -0.28 -23.34
CA TYR A 296 -7.15 0.63 -23.70
C TYR A 296 -5.84 0.10 -23.09
N LEU A 297 -5.85 -0.18 -21.79
CA LEU A 297 -4.60 -0.52 -21.05
C LEU A 297 -4.08 -1.87 -21.54
N SER A 298 -4.97 -2.68 -22.12
N SER A 298 -4.96 -2.72 -22.07
CA SER A 298 -4.69 -4.05 -22.64
CA SER A 298 -4.62 -4.06 -22.61
C SER A 298 -4.35 -4.02 -24.13
C SER A 298 -4.51 -4.00 -24.14
N SER A 299 -4.24 -2.82 -24.71
CA SER A 299 -4.13 -2.64 -26.18
C SER A 299 -2.65 -2.78 -26.56
N GLN A 300 -2.36 -3.01 -27.83
CA GLN A 300 -0.98 -3.24 -28.33
C GLN A 300 -0.14 -1.99 -28.06
N ASP A 301 -0.69 -0.79 -28.26
CA ASP A 301 0.03 0.50 -27.99
C ASP A 301 0.52 0.59 -26.54
N VAL A 302 -0.33 0.23 -25.56
CA VAL A 302 0.01 0.35 -24.10
C VAL A 302 1.02 -0.76 -23.74
N SER A 303 0.81 -1.99 -24.25
CA SER A 303 1.81 -3.07 -24.17
C SER A 303 3.18 -2.54 -24.62
N LYS A 304 3.24 -1.95 -25.81
CA LYS A 304 4.50 -1.38 -26.35
C LYS A 304 5.04 -0.32 -25.39
N PHE A 305 4.17 0.52 -24.82
CA PHE A 305 4.55 1.62 -23.90
C PHE A 305 5.22 0.99 -22.68
N MET A 306 4.57 -0.02 -22.09
CA MET A 306 5.05 -0.77 -20.90
C MET A 306 6.44 -1.35 -21.17
N ALA A 307 6.64 -1.95 -22.34
CA ALA A 307 7.93 -2.55 -22.73
C ALA A 307 8.99 -1.44 -22.78
N ILE A 308 8.75 -0.36 -23.52
CA ILE A 308 9.83 0.64 -23.74
C ILE A 308 10.12 1.42 -22.44
N ASN A 309 9.14 1.61 -21.56
CA ASN A 309 9.25 2.59 -20.44
C ASN A 309 9.59 1.90 -19.12
N ALA A 310 9.22 0.64 -18.94
CA ALA A 310 9.41 -0.03 -17.64
C ALA A 310 9.90 -1.47 -17.83
N ALA A 311 10.28 -1.87 -19.06
CA ALA A 311 10.78 -3.21 -19.42
C ALA A 311 9.83 -4.29 -18.89
N LEU A 312 8.53 -4.11 -19.09
CA LEU A 312 7.52 -5.16 -18.83
C LEU A 312 7.36 -5.97 -20.12
N LEU A 313 7.54 -7.28 -20.06
CA LEU A 313 7.49 -8.18 -21.24
C LEU A 313 6.10 -8.10 -21.88
N PRO A 314 6.01 -7.98 -23.22
CA PRO A 314 4.70 -7.89 -23.89
C PRO A 314 3.79 -9.10 -23.76
N THR A 315 2.49 -8.84 -23.83
CA THR A 315 1.43 -9.87 -23.93
C THR A 315 1.13 -10.11 -25.42
N TYR A 316 1.71 -9.31 -26.33
CA TYR A 316 1.55 -9.43 -27.80
C TYR A 316 2.87 -9.92 -28.41
N ALA A 317 2.81 -11.08 -29.08
CA ALA A 317 3.97 -11.76 -29.68
C ALA A 317 4.71 -10.80 -30.63
N ALA A 318 4.00 -10.03 -31.43
CA ALA A 318 4.59 -9.20 -32.52
C ALA A 318 5.52 -8.17 -31.88
N LEU A 319 5.28 -7.82 -30.62
CA LEU A 319 6.05 -6.76 -29.92
C LEU A 319 7.44 -7.25 -29.51
N TYR A 320 7.69 -8.57 -29.45
CA TYR A 320 9.05 -9.10 -29.19
C TYR A 320 9.96 -8.85 -30.42
N LYS A 321 9.37 -8.64 -31.61
CA LYS A 321 10.10 -8.33 -32.87
C LYS A 321 9.89 -6.87 -33.30
N ASP A 322 9.46 -5.97 -32.41
CA ASP A 322 9.29 -4.51 -32.69
C ASP A 322 10.64 -3.81 -32.52
N ALA A 323 11.08 -3.07 -33.55
CA ALA A 323 12.43 -2.45 -33.65
C ALA A 323 12.66 -1.48 -32.49
N ASP A 324 11.65 -0.67 -32.14
CA ASP A 324 11.73 0.27 -31.00
C ASP A 324 11.91 -0.55 -29.71
N VAL A 325 11.11 -1.61 -29.53
CA VAL A 325 11.19 -2.42 -28.29
C VAL A 325 12.57 -3.08 -28.23
N THR A 326 13.01 -3.74 -29.30
CA THR A 326 14.29 -4.49 -29.37
C THR A 326 15.47 -3.52 -29.35
N LYS A 327 15.27 -2.27 -29.77
CA LYS A 327 16.31 -1.23 -29.69
C LYS A 327 16.53 -0.90 -28.22
N THR A 328 15.45 -0.79 -27.44
CA THR A 328 15.49 -0.31 -26.03
C THR A 328 15.97 -1.46 -25.12
N ILE A 329 15.52 -2.67 -25.41
CA ILE A 329 15.80 -3.89 -24.59
C ILE A 329 16.16 -5.01 -25.56
N PRO A 330 17.43 -5.09 -26.03
CA PRO A 330 17.78 -6.02 -27.11
C PRO A 330 17.36 -7.45 -26.76
N TRP A 331 17.58 -7.85 -25.51
CA TRP A 331 17.32 -9.25 -25.06
C TRP A 331 15.83 -9.62 -25.13
N PHE A 332 14.90 -8.67 -25.34
CA PHE A 332 13.45 -8.98 -25.54
C PHE A 332 13.26 -9.75 -26.86
N ALA A 333 14.17 -9.56 -27.83
CA ALA A 333 14.10 -10.19 -29.18
C ALA A 333 14.10 -11.72 -29.05
N ASP A 334 14.69 -12.25 -27.97
CA ASP A 334 14.87 -13.71 -27.74
C ASP A 334 14.06 -14.21 -26.54
N ALA A 335 13.28 -13.36 -25.88
CA ALA A 335 12.59 -13.67 -24.61
C ALA A 335 11.24 -14.38 -24.82
N LEU A 336 10.64 -14.38 -26.02
CA LEU A 336 9.28 -14.95 -26.18
C LEU A 336 9.28 -16.45 -25.86
N PRO A 337 10.24 -17.26 -26.34
CA PRO A 337 10.26 -18.69 -26.02
C PRO A 337 10.31 -19.00 -24.51
N VAL A 338 11.04 -18.18 -23.75
CA VAL A 338 11.17 -18.30 -22.27
C VAL A 338 9.78 -18.10 -21.62
N VAL A 339 9.03 -17.07 -22.06
CA VAL A 339 7.70 -16.72 -21.49
C VAL A 339 6.74 -17.84 -21.84
N GLU A 340 6.75 -18.26 -23.11
CA GLU A 340 5.75 -19.22 -23.64
C GLU A 340 6.02 -20.63 -23.10
N THR A 341 7.22 -20.94 -22.58
CA THR A 341 7.50 -22.24 -21.92
C THR A 341 7.71 -22.07 -20.41
N ALA A 342 7.60 -20.87 -19.85
CA ALA A 342 7.61 -20.66 -18.38
C ALA A 342 6.51 -21.52 -17.72
N LYS A 343 6.77 -22.06 -16.53
CA LYS A 343 5.82 -22.96 -15.80
C LYS A 343 4.94 -22.17 -14.83
N ALA A 344 3.67 -22.55 -14.74
CA ALA A 344 2.60 -21.83 -14.01
C ALA A 344 2.57 -22.33 -12.58
N ARG A 345 2.51 -21.43 -11.59
CA ARG A 345 2.22 -21.82 -10.20
C ARG A 345 0.81 -22.40 -10.22
N PRO A 346 0.41 -23.24 -9.24
CA PRO A 346 -0.92 -23.86 -9.28
C PRO A 346 -2.05 -22.86 -9.55
N VAL A 347 -3.00 -23.26 -10.41
CA VAL A 347 -4.27 -22.55 -10.68
C VAL A 347 -5.28 -23.06 -9.65
N THR A 348 -5.65 -22.25 -8.65
CA THR A 348 -6.57 -22.68 -7.55
C THR A 348 -7.21 -21.47 -6.87
N PRO A 349 -8.53 -21.53 -6.57
CA PRO A 349 -9.18 -20.53 -5.72
C PRO A 349 -8.57 -20.32 -4.34
N ARG A 350 -7.81 -21.30 -3.85
CA ARG A 350 -7.22 -21.25 -2.49
C ARG A 350 -5.73 -20.95 -2.64
N TYR A 351 -5.33 -20.24 -3.70
CA TYR A 351 -3.89 -19.99 -3.98
C TYR A 351 -3.23 -19.33 -2.76
N ASN A 352 -3.93 -18.43 -2.07
CA ASN A 352 -3.36 -17.66 -0.94
C ASN A 352 -2.83 -18.61 0.13
N GLU A 353 -3.52 -19.72 0.41
CA GLU A 353 -3.09 -20.72 1.41
C GLU A 353 -1.91 -21.53 0.84
N VAL A 354 -1.91 -21.76 -0.47
CA VAL A 354 -0.77 -22.41 -1.19
C VAL A 354 0.45 -21.47 -1.06
N SER A 355 0.31 -20.19 -1.34
CA SER A 355 1.43 -19.22 -1.24
C SER A 355 1.98 -19.27 0.20
N GLU A 356 1.09 -19.20 1.20
CA GLU A 356 1.47 -19.05 2.63
C GLU A 356 2.34 -20.24 3.04
N THR A 357 1.92 -21.45 2.68
CA THR A 357 2.63 -22.70 3.01
C THR A 357 4.01 -22.70 2.36
N ILE A 358 4.08 -22.53 1.04
CA ILE A 358 5.39 -22.61 0.32
C ILE A 358 6.31 -21.52 0.84
N ARG A 359 5.90 -20.24 0.81
CA ARG A 359 6.83 -19.11 1.09
C ARG A 359 7.34 -19.16 2.54
N THR A 360 6.51 -19.56 3.52
CA THR A 360 6.92 -19.62 4.95
C THR A 360 7.85 -20.81 5.17
N THR A 361 7.73 -21.87 4.38
CA THR A 361 8.68 -23.01 4.40
C THR A 361 10.03 -22.51 3.86
N VAL A 362 10.05 -21.87 2.69
CA VAL A 362 11.32 -21.39 2.09
C VAL A 362 12.02 -20.51 3.11
N ASN A 363 11.27 -19.57 3.71
CA ASN A 363 11.84 -18.55 4.63
C ASN A 363 12.37 -19.23 5.90
N GLY A 364 11.57 -20.11 6.51
CA GLY A 364 11.93 -20.80 7.76
C GLY A 364 13.17 -21.64 7.58
N VAL A 365 13.27 -22.32 6.45
CA VAL A 365 14.46 -23.13 6.10
C VAL A 365 15.65 -22.18 5.95
N LEU A 366 15.50 -21.06 5.27
CA LEU A 366 16.65 -20.17 4.99
C LEU A 366 17.04 -19.42 6.27
N ALA A 367 16.11 -19.29 7.22
CA ALA A 367 16.31 -18.57 8.50
C ALA A 367 16.89 -19.53 9.54
N GLY A 368 16.95 -20.83 9.21
CA GLY A 368 17.48 -21.88 10.09
C GLY A 368 16.47 -22.29 11.16
N VAL A 369 15.17 -22.13 10.89
CA VAL A 369 14.07 -22.46 11.86
C VAL A 369 13.71 -23.94 11.75
N MET A 370 13.91 -24.54 10.59
CA MET A 370 13.52 -25.93 10.28
C MET A 370 14.47 -26.49 9.21
N THR A 371 14.61 -27.82 9.15
CA THR A 371 15.47 -28.54 8.18
C THR A 371 14.74 -28.65 6.85
N PRO A 372 15.46 -28.66 5.71
CA PRO A 372 14.85 -29.04 4.43
C PRO A 372 13.85 -30.21 4.49
N GLU A 373 14.22 -31.30 5.16
CA GLU A 373 13.38 -32.52 5.38
C GLU A 373 12.07 -32.12 6.08
N ASP A 374 12.14 -31.50 7.27
CA ASP A 374 10.96 -30.98 8.02
C ASP A 374 10.10 -30.09 7.11
N GLY A 375 10.75 -29.15 6.41
CA GLY A 375 10.07 -28.19 5.54
C GLY A 375 9.20 -28.91 4.52
N ALA A 376 9.79 -29.86 3.79
CA ALA A 376 9.08 -30.62 2.74
C ALA A 376 7.86 -31.32 3.34
N LYS A 377 7.99 -31.93 4.52
CA LYS A 377 6.90 -32.72 5.16
C LYS A 377 5.78 -31.74 5.55
N GLN A 378 6.10 -30.66 6.26
CA GLN A 378 5.13 -29.57 6.60
C GLN A 378 4.44 -29.11 5.32
N MET A 379 5.22 -28.70 4.31
CA MET A 379 4.68 -28.23 3.01
C MET A 379 3.72 -29.28 2.45
N GLU A 380 4.17 -30.52 2.27
CA GLU A 380 3.36 -31.61 1.65
C GLU A 380 2.04 -31.76 2.42
N SER A 381 2.10 -31.75 3.75
CA SER A 381 0.92 -31.90 4.66
C SER A 381 -0.16 -30.85 4.35
N ARG A 382 0.22 -29.57 4.28
CA ARG A 382 -0.75 -28.44 4.14
C ARG A 382 -1.26 -28.41 2.69
N LEU A 383 -0.38 -28.67 1.73
CA LEU A 383 -0.76 -28.72 0.28
C LEU A 383 -1.77 -29.86 0.04
N ARG A 384 -1.71 -30.97 0.78
CA ARG A 384 -2.70 -32.09 0.60
C ARG A 384 -4.12 -31.63 0.96
N ARG A 385 -4.27 -30.85 2.03
CA ARG A 385 -5.55 -30.27 2.51
C ARG A 385 -6.06 -29.17 1.56
N VAL A 386 -5.15 -28.38 0.96
CA VAL A 386 -5.50 -27.17 0.17
C VAL A 386 -5.76 -27.54 -1.30
N LEU A 387 -4.93 -28.36 -1.95
CA LEU A 387 -5.07 -28.77 -3.37
C LEU A 387 -5.78 -30.13 -3.47
N ARG A 388 -6.84 -30.33 -2.68
CA ARG A 388 -7.63 -31.58 -2.70
C ARG A 388 -8.52 -31.58 -3.96
N LEU A 389 -9.27 -32.65 -4.21
CA LEU A 389 -10.44 -32.65 -5.14
C LEU A 389 -11.68 -32.22 -4.34
N GLU A 390 -12.51 -31.32 -4.88
CA GLU A 390 -13.86 -30.99 -4.32
C GLU A 390 -14.91 -31.85 -5.04
N HIS A 391 -16.07 -32.07 -4.41
CA HIS A 391 -17.17 -32.95 -4.92
C HIS A 391 -17.66 -32.42 -6.28
N HIS A 392 -18.00 -31.12 -6.36
CA HIS A 392 -18.47 -30.44 -7.59
C HIS A 392 -17.53 -29.27 -7.90
N MET B 1 28.13 -1.49 2.95
CA MET B 1 28.68 -0.12 3.16
C MET B 1 27.66 0.72 3.93
N ASP B 2 26.55 1.10 3.29
CA ASP B 2 25.53 2.02 3.89
C ASP B 2 24.48 1.21 4.66
N ALA B 3 24.05 1.72 5.82
CA ALA B 3 22.84 1.23 6.53
C ALA B 3 21.60 1.71 5.76
N GLU B 4 20.74 0.80 5.34
CA GLU B 4 19.48 1.09 4.59
C GLU B 4 18.31 1.13 5.58
N LEU B 5 17.80 2.31 5.93
CA LEU B 5 16.61 2.43 6.83
C LEU B 5 15.35 2.49 5.96
N LYS B 6 14.36 1.67 6.30
CA LYS B 6 13.03 1.69 5.63
C LYS B 6 12.03 2.30 6.61
N ILE B 7 11.34 3.36 6.16
CA ILE B 7 10.26 4.02 6.92
C ILE B 7 8.93 3.79 6.20
N PHE B 8 8.00 3.12 6.89
CA PHE B 8 6.56 3.04 6.59
C PHE B 8 5.90 4.38 6.86
N VAL B 9 5.31 4.99 5.82
CA VAL B 9 4.88 6.41 5.85
C VAL B 9 3.35 6.44 5.72
N SER B 10 2.72 7.42 6.38
CA SER B 10 1.26 7.58 6.56
C SER B 10 0.53 7.90 5.23
N SER B 11 1.22 8.29 4.14
CA SER B 11 0.56 8.69 2.87
C SER B 11 1.48 8.47 1.65
N GLN B 12 0.85 8.26 0.46
CA GLN B 12 1.50 8.20 -0.87
C GLN B 12 1.75 9.60 -1.45
N HIS B 13 1.32 10.67 -0.76
CA HIS B 13 1.23 12.06 -1.28
C HIS B 13 2.56 12.81 -1.12
N GLN B 14 2.80 13.78 -2.02
CA GLN B 14 3.98 14.69 -2.08
C GLN B 14 5.27 13.88 -1.90
N PRO B 15 5.56 12.93 -2.79
CA PRO B 15 6.67 11.99 -2.59
C PRO B 15 8.05 12.65 -2.75
N ASP B 16 8.21 13.57 -3.71
CA ASP B 16 9.46 14.32 -4.02
C ASP B 16 9.96 15.06 -2.78
N ILE B 17 9.04 15.66 -2.02
CA ILE B 17 9.35 16.51 -0.83
C ILE B 17 10.07 15.64 0.20
N TRP B 18 9.47 14.49 0.54
CA TRP B 18 10.04 13.52 1.51
C TRP B 18 11.41 13.05 1.01
N ARG B 19 11.53 12.78 -0.29
CA ARG B 19 12.77 12.25 -0.93
C ARG B 19 13.89 13.28 -0.82
N LYS B 20 13.65 14.54 -1.23
CA LYS B 20 14.67 15.62 -1.20
C LYS B 20 14.98 15.96 0.26
N ALA B 21 14.03 15.75 1.17
CA ALA B 21 14.22 15.94 2.62
C ALA B 21 15.12 14.83 3.18
N LEU B 22 14.78 13.58 2.88
CA LEU B 22 15.59 12.40 3.32
C LEU B 22 16.97 12.50 2.67
N ASP B 23 17.06 13.06 1.46
CA ASP B 23 18.36 13.26 0.75
C ASP B 23 19.26 14.21 1.56
N GLN B 24 18.70 15.28 2.14
CA GLN B 24 19.45 16.21 3.05
C GLN B 24 19.97 15.42 4.26
N TYR B 25 19.11 14.60 4.88
CA TYR B 25 19.50 13.79 6.07
C TYR B 25 20.70 12.93 5.71
N GLU B 26 20.60 12.23 4.58
CA GLU B 26 21.62 11.27 4.07
C GLU B 26 22.95 11.99 3.85
N ALA B 27 22.95 13.18 3.26
CA ALA B 27 24.16 14.01 3.04
C ALA B 27 24.85 14.30 4.39
N LYS B 28 24.07 14.65 5.41
CA LYS B 28 24.57 15.05 6.76
C LYS B 28 24.85 13.79 7.61
N THR B 29 24.55 12.61 7.08
CA THR B 29 24.68 11.32 7.82
C THR B 29 25.32 10.31 6.88
N PRO B 30 26.66 10.30 6.73
CA PRO B 30 27.32 9.29 5.90
C PRO B 30 27.10 7.88 6.43
N GLY B 31 27.03 6.91 5.52
CA GLY B 31 26.84 5.49 5.87
C GLY B 31 25.41 5.19 6.26
N VAL B 32 24.46 6.10 5.97
CA VAL B 32 23.01 5.84 6.21
C VAL B 32 22.23 6.31 4.99
N LYS B 33 21.41 5.41 4.45
CA LYS B 33 20.39 5.68 3.42
C LYS B 33 19.00 5.34 3.99
N VAL B 34 17.99 6.06 3.54
CA VAL B 34 16.59 5.92 4.03
C VAL B 34 15.73 5.72 2.79
N VAL B 35 14.82 4.76 2.87
CA VAL B 35 13.85 4.44 1.80
C VAL B 35 12.44 4.51 2.40
N ILE B 36 11.47 4.91 1.59
CA ILE B 36 10.05 5.12 1.99
C ILE B 36 9.27 3.90 1.56
N GLU B 37 8.50 3.32 2.47
CA GLU B 37 7.54 2.23 2.17
C GLU B 37 6.15 2.77 2.43
N THR B 38 5.17 2.41 1.59
CA THR B 38 3.75 2.78 1.75
C THR B 38 2.89 1.52 1.85
N GLY B 39 1.71 1.64 2.47
CA GLY B 39 0.61 0.66 2.43
C GLY B 39 -0.62 1.33 1.87
N GLY B 40 -1.77 1.13 2.51
CA GLY B 40 -3.00 1.88 2.18
C GLY B 40 -2.83 3.37 2.46
N ASN B 41 -3.80 4.17 2.04
CA ASN B 41 -3.87 5.62 2.34
C ASN B 41 -4.75 5.85 3.59
N THR B 42 -5.56 4.87 4.05
CA THR B 42 -6.35 5.02 5.29
C THR B 42 -5.68 4.27 6.44
N SER B 43 -5.81 4.80 7.66
CA SER B 43 -5.19 4.32 8.93
C SER B 43 -5.52 2.85 9.24
N GLU B 44 -6.78 2.41 9.09
CA GLU B 44 -7.18 1.02 9.42
C GLU B 44 -6.58 0.07 8.38
N MET B 45 -6.30 0.55 7.18
CA MET B 45 -5.70 -0.33 6.15
C MET B 45 -4.18 -0.37 6.39
N GLN B 46 -3.57 0.71 6.85
CA GLN B 46 -2.17 0.69 7.36
C GLN B 46 -2.10 -0.25 8.58
N ALA B 47 -3.09 -0.18 9.49
CA ALA B 47 -3.17 -1.04 10.69
C ALA B 47 -3.17 -2.52 10.30
N GLN B 48 -4.05 -2.95 9.38
CA GLN B 48 -4.23 -4.36 8.92
C GLN B 48 -2.89 -4.93 8.43
N TYR B 49 -2.18 -4.19 7.59
CA TYR B 49 -0.83 -4.56 7.10
C TYR B 49 0.21 -4.59 8.22
N LEU B 50 0.27 -3.59 9.10
CA LEU B 50 1.32 -3.56 10.16
C LEU B 50 1.03 -4.68 11.17
N ASN B 51 -0.22 -5.00 11.47
CA ASN B 51 -0.53 -6.15 12.38
C ASN B 51 0.07 -7.43 11.81
N THR B 52 -0.07 -7.64 10.50
CA THR B 52 0.46 -8.84 9.78
C THR B 52 1.99 -8.91 9.94
N VAL B 53 2.74 -7.91 9.47
CA VAL B 53 4.23 -8.00 9.44
C VAL B 53 4.79 -7.99 10.88
N MET B 54 4.28 -7.12 11.76
CA MET B 54 4.71 -7.09 13.18
C MET B 54 4.45 -8.45 13.83
N SER B 55 3.30 -9.09 13.58
CA SER B 55 2.98 -10.44 14.12
C SER B 55 4.00 -11.47 13.64
N ALA B 56 4.43 -11.40 12.37
CA ALA B 56 5.42 -12.34 11.77
C ALA B 56 6.85 -11.97 12.20
N LYS B 57 7.02 -10.93 13.04
CA LYS B 57 8.35 -10.46 13.52
C LYS B 57 9.20 -9.99 12.33
N ASP B 58 8.61 -9.30 11.39
CA ASP B 58 9.27 -8.96 10.10
C ASP B 58 10.22 -7.81 10.39
N SER B 59 11.53 -7.99 10.14
CA SER B 59 12.60 -7.00 10.40
C SER B 59 12.75 -6.03 9.22
N SER B 60 11.85 -6.07 8.25
CA SER B 60 11.95 -5.25 7.01
C SER B 60 11.89 -3.76 7.36
N LEU B 61 10.87 -3.36 8.14
CA LEU B 61 10.64 -1.93 8.48
C LEU B 61 11.48 -1.55 9.72
N ASP B 62 12.00 -0.32 9.70
CA ASP B 62 12.87 0.26 10.77
C ASP B 62 12.08 1.30 11.56
N VAL B 63 11.47 2.25 10.86
CA VAL B 63 10.64 3.34 11.47
C VAL B 63 9.21 3.19 10.94
N LEU B 64 8.24 3.13 11.85
CA LEU B 64 6.80 3.08 11.52
C LEU B 64 6.17 4.44 11.85
N MET B 65 5.51 5.07 10.88
CA MET B 65 4.56 6.16 11.16
C MET B 65 3.25 5.53 11.62
N LEU B 66 2.81 5.89 12.82
CA LEU B 66 1.66 5.27 13.53
C LEU B 66 0.64 6.35 13.89
N ASP B 67 -0.64 6.06 13.68
CA ASP B 67 -1.75 6.98 14.03
C ASP B 67 -1.74 7.15 15.56
N VAL B 68 -2.33 8.24 16.04
CA VAL B 68 -2.33 8.66 17.48
C VAL B 68 -3.07 7.62 18.33
N ILE B 69 -3.85 6.73 17.69
CA ILE B 69 -4.67 5.68 18.36
C ILE B 69 -3.85 4.38 18.49
N ARG B 70 -2.58 4.36 18.01
CA ARG B 70 -1.79 3.10 17.90
C ARG B 70 -0.95 2.78 19.14
N PRO B 71 -0.41 3.75 19.93
CA PRO B 71 0.52 3.43 21.02
C PRO B 71 0.13 2.33 22.04
N ALA B 72 -1.15 2.21 22.41
CA ALA B 72 -1.61 1.18 23.38
C ALA B 72 -1.42 -0.23 22.78
N GLN B 73 -1.94 -0.49 21.59
CA GLN B 73 -1.73 -1.80 20.88
C GLN B 73 -0.23 -2.09 20.78
N PHE B 74 0.56 -1.17 20.23
CA PHE B 74 2.00 -1.37 19.92
C PHE B 74 2.81 -1.58 21.20
N ALA B 75 2.51 -0.81 22.25
CA ALA B 75 3.17 -0.96 23.58
C ALA B 75 2.87 -2.36 24.13
N THR B 76 1.59 -2.72 24.22
CA THR B 76 1.09 -4.02 24.75
C THR B 76 1.71 -5.19 23.97
N ALA B 77 1.70 -5.14 22.64
CA ALA B 77 2.22 -6.23 21.76
C ALA B 77 3.75 -6.27 21.84
N GLY B 78 4.40 -5.22 22.33
CA GLY B 78 5.88 -5.13 22.35
C GLY B 78 6.45 -4.96 20.95
N TRP B 79 5.72 -4.28 20.05
CA TRP B 79 6.08 -4.12 18.62
C TRP B 79 7.03 -2.94 18.38
N THR B 80 7.23 -2.07 19.38
CA THR B 80 8.09 -0.86 19.26
C THR B 80 9.20 -0.92 20.31
N SER B 81 10.31 -0.27 19.99
CA SER B 81 11.48 -0.07 20.86
C SER B 81 11.31 1.27 21.59
N ASP B 82 10.82 1.22 22.83
CA ASP B 82 10.68 2.37 23.76
C ASP B 82 11.93 3.25 23.67
N PHE B 83 11.75 4.57 23.73
CA PHE B 83 12.88 5.52 23.87
C PHE B 83 13.18 5.64 25.37
N SER B 84 14.31 5.07 25.81
CA SER B 84 14.72 5.03 27.24
C SER B 84 15.71 6.17 27.49
N LYS B 86 13.46 8.57 27.68
CA LYS B 86 13.51 9.99 27.22
C LYS B 86 12.40 10.75 27.92
N ASP B 87 12.21 12.03 27.57
CA ASP B 87 11.02 12.82 27.99
C ASP B 87 10.47 13.55 26.75
N LEU B 88 9.16 13.77 26.73
CA LEU B 88 8.40 14.44 25.64
C LEU B 88 7.94 15.83 26.11
N SER B 89 8.70 16.45 27.02
CA SER B 89 8.47 17.82 27.56
C SER B 89 8.57 18.86 26.45
N ALA B 90 9.29 18.56 25.36
CA ALA B 90 9.49 19.45 24.19
C ALA B 90 8.20 19.61 23.37
N TYR B 91 7.24 18.70 23.50
CA TYR B 91 6.05 18.58 22.62
C TYR B 91 4.77 18.95 23.37
N LEU B 92 3.68 19.14 22.64
CA LEU B 92 2.35 19.41 23.23
C LEU B 92 2.01 18.29 24.21
N PRO B 93 1.61 18.64 25.44
CA PRO B 93 1.11 17.66 26.41
C PRO B 93 0.20 16.59 25.84
N THR B 94 -0.76 16.93 24.97
CA THR B 94 -1.73 15.95 24.44
C THR B 94 -0.97 14.83 23.72
N TYR B 95 0.12 15.15 23.03
CA TYR B 95 0.96 14.19 22.26
C TYR B 95 2.01 13.51 23.14
N ALA B 96 2.63 14.21 24.10
CA ALA B 96 3.48 13.55 25.12
C ALA B 96 2.67 12.45 25.82
N GLU B 97 1.43 12.74 26.20
CA GLU B 97 0.51 11.80 26.89
C GLU B 97 0.14 10.65 25.94
N ALA B 98 -0.13 10.95 24.66
CA ALA B 98 -0.60 9.94 23.66
C ALA B 98 0.47 8.87 23.43
N ASN B 99 1.75 9.28 23.37
CA ASN B 99 2.90 8.42 23.02
C ASN B 99 3.53 7.82 24.28
N THR B 100 2.98 8.13 25.45
CA THR B 100 3.36 7.55 26.77
C THR B 100 2.33 6.48 27.14
N VAL B 101 2.77 5.25 27.41
CA VAL B 101 1.94 4.11 27.88
C VAL B 101 2.71 3.42 29.01
N ASN B 102 2.03 3.17 30.13
CA ASN B 102 2.58 2.64 31.41
C ASN B 102 3.97 3.23 31.72
N GLY B 103 4.14 4.54 31.51
CA GLY B 103 5.39 5.26 31.77
C GLY B 103 6.43 5.06 30.66
N LYS B 104 6.18 4.12 29.75
CA LYS B 104 7.05 3.83 28.57
C LYS B 104 6.71 4.81 27.44
N ILE B 105 7.74 5.41 26.85
CA ILE B 105 7.67 6.33 25.68
C ILE B 105 7.73 5.48 24.39
N VAL B 106 6.56 5.25 23.78
CA VAL B 106 6.32 4.23 22.72
C VAL B 106 6.88 4.72 21.37
N ALA B 107 6.92 6.04 21.16
CA ALA B 107 7.24 6.70 19.87
C ALA B 107 7.47 8.19 20.12
N LEU B 108 8.16 8.88 19.21
CA LEU B 108 8.28 10.36 19.21
C LEU B 108 7.20 10.94 18.31
N PRO B 109 6.53 12.04 18.73
CA PRO B 109 5.61 12.79 17.88
C PRO B 109 6.14 13.22 16.51
N ALA B 110 5.33 12.98 15.46
CA ALA B 110 5.61 13.35 14.06
C ALA B 110 4.89 14.66 13.71
N PHE B 111 3.56 14.67 13.86
CA PHE B 111 2.75 15.89 13.62
C PHE B 111 1.43 15.79 14.36
N ALA B 112 0.88 16.97 14.69
CA ALA B 112 -0.46 17.16 15.27
C ALA B 112 -1.51 17.14 14.16
N ASP B 113 -2.77 16.94 14.54
CA ASP B 113 -3.91 17.03 13.60
C ASP B 113 -5.18 17.07 14.46
N SER B 114 -6.21 17.68 13.89
CA SER B 114 -7.56 17.85 14.46
C SER B 114 -8.44 18.01 13.24
N MET B 115 -9.72 17.70 13.35
CA MET B 115 -10.70 18.02 12.26
C MET B 115 -11.10 19.50 12.33
N PHE B 116 -11.29 20.09 11.15
CA PHE B 116 -11.70 21.51 10.97
C PHE B 116 -12.86 21.54 9.98
N LEU B 117 -13.59 22.64 9.98
CA LEU B 117 -14.55 22.97 8.91
C LEU B 117 -13.86 23.85 7.88
N TYR B 118 -13.56 23.28 6.72
CA TYR B 118 -13.22 24.01 5.49
C TYR B 118 -14.53 24.50 4.90
N TYR B 119 -14.54 25.73 4.40
CA TYR B 119 -15.72 26.32 3.74
C TYR B 119 -15.24 27.19 2.59
N ARG B 120 -16.08 27.29 1.56
CA ARG B 120 -15.88 28.20 0.40
C ARG B 120 -16.16 29.62 0.89
N LYS B 121 -15.12 30.40 1.16
CA LYS B 121 -15.31 31.78 1.70
C LYS B 121 -15.82 32.68 0.58
N ASP B 122 -15.54 32.36 -0.69
CA ASP B 122 -16.09 33.13 -1.83
C ASP B 122 -17.63 33.02 -1.80
N LEU B 123 -18.17 31.85 -1.44
CA LEU B 123 -19.64 31.60 -1.43
C LEU B 123 -20.29 32.17 -0.17
N LEU B 124 -19.64 32.10 0.99
CA LEU B 124 -20.24 32.67 2.24
C LEU B 124 -20.29 34.19 2.11
N ASP B 125 -19.24 34.79 1.56
CA ASP B 125 -19.12 36.22 1.23
C ASP B 125 -20.18 36.63 0.20
N LYS B 126 -20.32 35.87 -0.88
CA LYS B 126 -21.32 36.18 -1.95
C LYS B 126 -22.72 36.31 -1.32
N TYR B 127 -23.05 35.48 -0.34
CA TYR B 127 -24.40 35.43 0.30
C TYR B 127 -24.38 36.13 1.67
N GLY B 128 -23.26 36.77 2.05
CA GLY B 128 -23.11 37.45 3.35
C GLY B 128 -23.46 36.53 4.51
N ILE B 129 -22.96 35.29 4.48
CA ILE B 129 -23.14 34.29 5.58
C ILE B 129 -21.84 34.22 6.39
N LYS B 130 -21.97 33.99 7.70
CA LYS B 130 -20.79 33.82 8.61
C LYS B 130 -20.57 32.32 8.78
N PRO B 131 -19.34 31.88 9.13
CA PRO B 131 -19.07 30.46 9.37
C PRO B 131 -20.05 29.86 10.38
N PRO B 132 -20.63 28.67 10.11
CA PRO B 132 -21.59 28.08 11.05
C PRO B 132 -20.90 27.57 12.32
N THR B 133 -21.57 27.77 13.47
CA THR B 133 -21.14 27.36 14.82
C THR B 133 -22.04 26.21 15.32
N THR B 134 -23.19 25.97 14.70
CA THR B 134 -24.02 24.74 14.95
C THR B 134 -24.31 24.01 13.64
N TRP B 135 -24.68 22.72 13.72
CA TRP B 135 -24.99 21.92 12.50
C TRP B 135 -26.29 22.47 11.86
N ASP B 136 -27.26 22.95 12.67
CA ASP B 136 -28.48 23.65 12.20
C ASP B 136 -28.07 24.85 11.34
N GLU B 137 -27.22 25.72 11.87
CA GLU B 137 -26.70 26.91 11.16
C GLU B 137 -26.01 26.50 9.84
N LEU B 138 -25.23 25.41 9.83
CA LEU B 138 -24.56 24.88 8.60
C LEU B 138 -25.61 24.48 7.55
N LYS B 139 -26.66 23.76 7.95
CA LYS B 139 -27.81 23.39 7.09
C LYS B 139 -28.45 24.66 6.50
N GLU B 140 -28.84 25.62 7.33
CA GLU B 140 -29.44 26.90 6.88
C GLU B 140 -28.47 27.58 5.89
N ALA B 141 -27.17 27.58 6.18
CA ALA B 141 -26.15 28.26 5.36
C ALA B 141 -26.03 27.55 4.01
N SER B 142 -26.08 26.21 4.03
CA SER B 142 -26.06 25.36 2.82
C SER B 142 -27.32 25.61 1.98
N LYS B 143 -28.51 25.54 2.61
CA LYS B 143 -29.82 25.78 1.94
C LYS B 143 -29.72 27.10 1.16
N LYS B 144 -29.33 28.18 1.82
CA LYS B 144 -29.22 29.54 1.24
C LYS B 144 -28.27 29.55 0.04
N VAL B 145 -27.06 29.00 0.16
CA VAL B 145 -26.01 29.09 -0.91
C VAL B 145 -26.44 28.18 -2.06
N MET B 146 -27.03 27.02 -1.74
CA MET B 146 -27.43 26.02 -2.76
C MET B 146 -28.63 26.55 -3.56
N GLU B 147 -29.62 27.14 -2.89
CA GLU B 147 -30.79 27.80 -3.54
C GLU B 147 -30.28 28.90 -4.49
N GLY B 148 -29.33 29.71 -4.05
CA GLY B 148 -28.81 30.85 -4.83
C GLY B 148 -27.92 30.43 -5.99
N GLU B 149 -27.07 29.43 -5.82
CA GLU B 149 -26.06 29.05 -6.83
C GLU B 149 -26.71 28.25 -7.96
N LYS B 150 -27.76 27.48 -7.66
CA LYS B 150 -28.54 26.72 -8.67
C LYS B 150 -27.58 25.83 -9.48
N ASN B 151 -26.67 25.19 -8.75
CA ASN B 151 -25.60 24.30 -9.28
C ASN B 151 -25.89 22.91 -8.74
N PRO B 152 -26.47 22.01 -9.57
CA PRO B 152 -26.88 20.67 -9.10
C PRO B 152 -25.69 19.81 -8.62
N GLU B 153 -24.46 20.23 -8.90
CA GLU B 153 -23.25 19.49 -8.47
C GLU B 153 -22.69 20.07 -7.16
N LEU B 154 -23.20 21.19 -6.65
CA LEU B 154 -22.70 21.81 -5.39
C LEU B 154 -23.27 21.00 -4.22
N GLN B 155 -22.40 20.28 -3.50
CA GLN B 155 -22.77 19.61 -2.23
C GLN B 155 -22.71 20.65 -1.10
N GLY B 156 -23.57 20.51 -0.09
CA GLY B 156 -23.56 21.37 1.09
C GLY B 156 -22.43 20.98 2.04
N LEU B 157 -22.41 19.72 2.48
CA LEU B 157 -21.45 19.15 3.45
C LEU B 157 -20.91 17.81 2.92
N SER B 158 -19.59 17.71 2.75
CA SER B 158 -18.85 16.43 2.58
C SER B 158 -18.22 16.06 3.92
N PHE B 159 -18.50 14.86 4.38
CA PHE B 159 -17.90 14.23 5.58
C PHE B 159 -17.61 12.79 5.22
N GLN B 160 -16.81 12.10 6.04
CA GLN B 160 -16.44 10.69 5.82
C GLN B 160 -17.52 9.77 6.41
N GLY B 161 -18.23 9.07 5.53
CA GLY B 161 -19.21 8.02 5.89
C GLY B 161 -18.76 6.62 5.49
N LYS B 162 -17.63 6.51 4.78
CA LYS B 162 -17.05 5.18 4.40
C LYS B 162 -16.54 4.48 5.67
N ALA B 163 -16.48 3.14 5.66
CA ALA B 163 -16.11 2.36 6.86
C ALA B 163 -14.59 2.41 7.00
N ILE B 164 -14.05 3.61 7.28
CA ILE B 164 -12.60 3.86 7.46
C ILE B 164 -12.39 4.47 8.84
N GLU B 165 -11.13 4.73 9.24
CA GLU B 165 -10.83 5.26 10.59
C GLU B 165 -11.54 6.62 10.74
N GLY B 166 -11.46 7.48 9.74
CA GLY B 166 -12.21 8.75 9.69
C GLY B 166 -13.64 8.62 10.22
N ALA B 167 -14.35 7.53 9.93
CA ALA B 167 -15.78 7.42 10.28
C ALA B 167 -15.97 7.28 11.78
N VAL B 168 -14.97 6.76 12.50
CA VAL B 168 -14.94 6.73 13.99
C VAL B 168 -15.08 8.16 14.48
N CYS B 169 -14.20 9.03 13.98
CA CYS B 169 -14.12 10.48 14.27
C CYS B 169 -15.49 11.11 14.01
N THR B 170 -16.04 10.89 12.81
CA THR B 170 -17.38 11.35 12.38
C THR B 170 -18.40 11.03 13.48
N PHE B 171 -18.48 9.76 13.90
CA PHE B 171 -19.45 9.34 14.93
C PHE B 171 -19.28 10.18 16.21
N LEU B 172 -18.05 10.40 16.66
CA LEU B 172 -17.77 10.99 17.99
C LEU B 172 -18.00 12.51 17.97
N LEU B 173 -17.94 13.17 16.82
CA LEU B 173 -18.10 14.65 16.74
C LEU B 173 -19.37 15.07 17.48
N PRO B 174 -20.58 14.62 17.07
CA PRO B 174 -21.81 15.02 17.76
C PRO B 174 -21.88 14.52 19.22
N TYR B 175 -21.31 13.35 19.48
CA TYR B 175 -21.37 12.64 20.78
C TYR B 175 -20.54 13.41 21.82
N TRP B 176 -19.34 13.86 21.43
CA TRP B 176 -18.50 14.74 22.27
C TRP B 176 -19.14 16.13 22.39
N SER B 177 -19.89 16.59 21.36
CA SER B 177 -20.54 17.93 21.38
C SER B 177 -21.59 17.99 22.50
N GLU B 178 -22.30 16.89 22.73
CA GLU B 178 -23.40 16.77 23.73
C GLU B 178 -22.81 16.57 25.13
N GLY B 179 -21.47 16.63 25.26
CA GLY B 179 -20.74 16.54 26.53
C GLY B 179 -20.48 15.10 26.99
N LYS B 180 -20.61 14.11 26.11
CA LYS B 180 -20.54 12.66 26.47
C LYS B 180 -19.15 12.07 26.22
N SER B 181 -18.84 10.95 26.86
CA SER B 181 -17.52 10.25 26.79
C SER B 181 -17.77 8.76 26.54
N LEU B 182 -16.77 8.02 26.05
CA LEU B 182 -16.88 6.56 25.77
C LEU B 182 -16.30 5.76 26.95
N VAL B 183 -15.21 6.24 27.57
CA VAL B 183 -14.54 5.57 28.73
C VAL B 183 -14.75 6.45 29.97
N GLU B 184 -14.70 5.86 31.17
CA GLU B 184 -15.01 6.51 32.47
C GLU B 184 -14.51 5.62 33.63
N ASN B 185 -13.65 6.17 34.50
CA ASN B 185 -13.06 5.48 35.69
C ASN B 185 -12.53 4.10 35.25
N LYS B 187 -14.18 2.00 32.46
CA LYS B 187 -15.26 1.15 31.89
C LYS B 187 -15.95 1.90 30.73
N LEU B 188 -16.58 1.17 29.79
CA LEU B 188 -17.45 1.78 28.76
C LEU B 188 -18.44 2.72 29.47
N ASN B 189 -18.84 3.81 28.81
CA ASN B 189 -19.78 4.82 29.38
C ASN B 189 -20.71 5.31 28.26
N PHE B 190 -21.22 4.37 27.48
CA PHE B 190 -22.00 4.63 26.25
C PHE B 190 -23.33 5.29 26.61
N ASP B 191 -23.57 6.51 26.11
CA ASP B 191 -24.88 7.21 26.18
C ASP B 191 -25.65 6.90 24.89
N ASN B 192 -26.66 6.04 24.98
CA ASN B 192 -27.41 5.50 23.82
C ASN B 192 -28.08 6.65 23.08
N LYS B 193 -28.65 7.61 23.82
CA LYS B 193 -29.36 8.79 23.23
C LYS B 193 -28.41 9.57 22.30
N ALA B 194 -27.22 9.97 22.79
CA ALA B 194 -26.24 10.76 22.02
C ALA B 194 -25.72 9.95 20.82
N ALA B 195 -25.57 8.63 20.97
CA ALA B 195 -25.06 7.71 19.92
C ALA B 195 -26.08 7.63 18.80
N VAL B 196 -27.34 7.40 19.17
CA VAL B 196 -28.52 7.46 18.27
C VAL B 196 -28.58 8.85 17.63
N ASP B 197 -28.39 9.93 18.38
CA ASP B 197 -28.53 11.31 17.85
C ASP B 197 -27.37 11.62 16.89
N SER B 198 -26.15 11.13 17.17
CA SER B 198 -24.99 11.29 16.25
C SER B 198 -25.37 10.64 14.91
N LEU B 199 -25.71 9.35 14.94
CA LEU B 199 -26.08 8.57 13.73
C LEU B 199 -27.24 9.27 13.02
N LYS B 200 -28.25 9.73 13.76
CA LYS B 200 -29.41 10.50 13.24
C LYS B 200 -28.96 11.79 12.53
N LEU B 201 -28.04 12.54 13.12
CA LEU B 201 -27.60 13.84 12.54
C LEU B 201 -26.97 13.62 11.16
N TRP B 202 -26.07 12.65 11.03
CA TRP B 202 -25.32 12.40 9.78
C TRP B 202 -26.29 11.96 8.67
N LYS B 203 -27.17 11.01 9.00
CA LYS B 203 -28.29 10.58 8.13
C LYS B 203 -29.11 11.79 7.67
N SER B 204 -29.38 12.73 8.59
CA SER B 204 -30.25 13.91 8.34
C SER B 204 -29.66 14.77 7.22
N PHE B 205 -28.33 14.87 7.11
CA PHE B 205 -27.70 15.66 6.02
C PHE B 205 -28.04 15.02 4.67
N VAL B 206 -28.09 13.69 4.61
CA VAL B 206 -28.37 12.94 3.34
C VAL B 206 -29.85 13.13 3.02
N ASP B 207 -30.72 12.82 3.99
CA ASP B 207 -32.20 12.96 3.89
C ASP B 207 -32.57 14.35 3.38
N ASP B 208 -32.00 15.41 3.98
CA ASP B 208 -32.35 16.81 3.63
C ASP B 208 -31.66 17.23 2.32
N GLY B 209 -30.80 16.40 1.72
CA GLY B 209 -30.12 16.75 0.46
C GLY B 209 -28.96 17.67 0.68
N ILE B 210 -28.58 17.95 1.94
CA ILE B 210 -27.39 18.80 2.24
C ILE B 210 -26.12 18.02 1.85
N SER B 211 -26.05 16.74 2.22
CA SER B 211 -24.98 15.81 1.77
C SER B 211 -25.52 14.88 0.69
N LYS B 212 -24.64 14.46 -0.22
CA LYS B 212 -24.97 13.59 -1.39
C LYS B 212 -25.44 12.20 -0.93
N LYS B 213 -26.20 11.52 -1.78
CA LYS B 213 -26.90 10.26 -1.42
C LYS B 213 -25.91 9.16 -1.09
N ASN B 214 -24.73 9.16 -1.73
CA ASN B 214 -23.70 8.10 -1.51
C ASN B 214 -22.58 8.63 -0.59
N ILE B 215 -22.90 9.32 0.50
CA ILE B 215 -21.88 9.84 1.46
C ILE B 215 -21.22 8.64 2.18
N SER B 216 -21.92 7.52 2.27
CA SER B 216 -21.42 6.22 2.79
C SER B 216 -20.19 5.75 2.00
N GLU B 217 -19.94 6.28 0.80
CA GLU B 217 -18.82 5.85 -0.06
C GLU B 217 -17.70 6.89 0.07
N VAL B 218 -17.75 7.80 1.04
CA VAL B 218 -16.81 8.95 1.06
C VAL B 218 -15.74 8.74 2.14
N ALA B 219 -14.50 8.65 1.69
CA ALA B 219 -13.28 8.58 2.53
C ALA B 219 -12.69 9.98 2.60
N THR B 220 -11.72 10.15 3.50
CA THR B 220 -11.03 11.42 3.83
C THR B 220 -10.57 12.13 2.54
N ASP B 221 -9.95 11.43 1.61
CA ASP B 221 -9.30 12.09 0.45
C ASP B 221 -10.34 12.25 -0.68
N ASP B 222 -11.51 11.58 -0.59
CA ASP B 222 -12.68 11.87 -1.47
C ASP B 222 -13.27 13.24 -1.13
N THR B 223 -13.52 13.50 0.16
CA THR B 223 -13.88 14.85 0.66
C THR B 223 -12.87 15.86 0.10
N ARG B 224 -11.57 15.65 0.32
CA ARG B 224 -10.48 16.55 -0.16
C ARG B 224 -10.65 16.83 -1.65
N LYS B 225 -10.61 15.80 -2.51
CA LYS B 225 -10.68 15.94 -3.98
C LYS B 225 -11.92 16.73 -4.43
N GLU B 226 -13.10 16.43 -3.89
CA GLU B 226 -14.40 17.02 -4.29
C GLU B 226 -14.43 18.50 -3.88
N PHE B 227 -13.85 18.85 -2.73
CA PHE B 227 -13.82 20.25 -2.25
C PHE B 227 -12.80 21.03 -3.08
N GLN B 228 -11.66 20.42 -3.36
CA GLN B 228 -10.58 21.04 -4.19
C GLN B 228 -11.10 21.23 -5.62
N ALA B 229 -12.02 20.37 -6.07
CA ALA B 229 -12.66 20.45 -7.40
C ALA B 229 -13.70 21.57 -7.42
N GLY B 230 -14.12 22.08 -6.26
CA GLY B 230 -15.04 23.22 -6.15
C GLY B 230 -16.49 22.76 -6.09
N LYS B 231 -16.73 21.55 -5.61
CA LYS B 231 -18.07 20.90 -5.67
C LYS B 231 -18.67 20.84 -4.26
N VAL B 232 -18.05 21.50 -3.29
CA VAL B 232 -18.39 21.30 -1.85
C VAL B 232 -18.34 22.64 -1.13
N LEU B 233 -19.40 22.97 -0.39
CA LEU B 233 -19.47 24.25 0.34
C LEU B 233 -18.72 24.10 1.67
N PHE B 234 -19.09 23.07 2.43
CA PHE B 234 -18.50 22.72 3.74
C PHE B 234 -17.90 21.32 3.65
N ALA B 235 -16.68 21.17 4.17
CA ALA B 235 -15.90 19.91 4.17
C ALA B 235 -15.27 19.74 5.55
N VAL B 236 -15.63 18.65 6.22
CA VAL B 236 -14.94 18.14 7.42
C VAL B 236 -13.62 17.54 6.92
N ASN B 237 -12.47 18.01 7.41
CA ASN B 237 -11.19 17.33 7.12
C ASN B 237 -10.07 17.81 8.05
N TRP B 238 -8.90 17.25 7.85
CA TRP B 238 -7.66 17.43 8.65
C TRP B 238 -6.84 18.53 7.97
N SER B 239 -5.72 18.95 8.56
CA SER B 239 -4.96 20.16 8.14
C SER B 239 -4.24 19.91 6.83
N TYR B 240 -3.73 18.71 6.55
CA TYR B 240 -2.94 18.45 5.30
C TYR B 240 -3.71 18.96 4.07
N ALA B 241 -5.05 18.93 4.07
CA ALA B 241 -5.89 19.29 2.90
C ALA B 241 -5.57 20.71 2.42
N TRP B 242 -5.18 21.61 3.32
CA TRP B 242 -4.94 23.04 2.98
C TRP B 242 -3.92 23.11 1.81
N THR B 243 -2.81 22.37 1.91
CA THR B 243 -1.74 22.42 0.88
C THR B 243 -2.29 22.07 -0.49
N HIS B 244 -3.13 21.03 -0.59
CA HIS B 244 -3.81 20.65 -1.86
C HIS B 244 -4.70 21.80 -2.34
N PHE B 245 -5.46 22.42 -1.44
CA PHE B 245 -6.47 23.46 -1.76
C PHE B 245 -5.79 24.73 -2.32
N GLN B 246 -4.52 25.00 -1.95
CA GLN B 246 -3.78 26.22 -2.39
C GLN B 246 -2.71 25.82 -3.40
N GLY B 247 -2.79 24.60 -3.96
CA GLY B 247 -1.76 24.00 -4.82
C GLY B 247 -2.04 24.30 -6.29
N LYS B 248 -1.50 23.47 -7.19
CA LYS B 248 -1.36 23.81 -8.64
C LYS B 248 -2.29 22.91 -9.47
N GLU B 249 -3.19 22.15 -8.85
CA GLU B 249 -4.27 21.40 -9.54
C GLU B 249 -5.56 21.55 -8.73
N SER B 250 -5.91 22.79 -8.36
CA SER B 250 -7.03 23.14 -7.45
C SER B 250 -7.94 24.19 -8.10
N GLN B 251 -9.24 24.12 -7.84
CA GLN B 251 -10.23 25.15 -8.30
C GLN B 251 -10.53 26.13 -7.16
N VAL B 252 -9.92 26.02 -5.98
CA VAL B 252 -10.39 26.77 -4.78
C VAL B 252 -9.23 27.54 -4.15
N ASN B 253 -8.16 27.78 -4.92
CA ASN B 253 -7.04 28.68 -4.53
C ASN B 253 -7.62 29.98 -4.00
N ASP B 254 -7.20 30.38 -2.79
CA ASP B 254 -7.60 31.64 -2.11
C ASP B 254 -9.12 31.76 -1.96
N LYS B 255 -9.88 30.67 -2.02
CA LYS B 255 -11.36 30.72 -1.86
C LYS B 255 -11.76 29.92 -0.62
N VAL B 256 -10.77 29.59 0.23
CA VAL B 256 -10.93 28.65 1.38
C VAL B 256 -10.75 29.37 2.70
N GLY B 257 -11.71 29.13 3.60
CA GLY B 257 -11.63 29.51 5.01
C GLY B 257 -11.59 28.28 5.88
N VAL B 258 -11.06 28.44 7.08
CA VAL B 258 -10.98 27.36 8.11
C VAL B 258 -11.65 27.87 9.37
N ALA B 259 -12.60 27.09 9.90
CA ALA B 259 -13.29 27.34 11.17
C ALA B 259 -13.24 26.09 12.06
N ARG B 260 -13.52 26.25 13.34
CA ARG B 260 -13.84 25.12 14.23
C ARG B 260 -15.06 24.40 13.66
N LEU B 261 -15.15 23.11 13.91
CA LEU B 261 -16.37 22.32 13.61
C LEU B 261 -17.54 22.96 14.32
N PRO B 262 -18.71 23.04 13.66
CA PRO B 262 -19.94 23.39 14.35
C PRO B 262 -20.19 22.42 15.52
N ALA B 263 -20.87 22.92 16.54
CA ALA B 263 -21.43 22.13 17.66
C ALA B 263 -22.81 21.62 17.26
N VAL B 264 -23.28 20.62 17.98
CA VAL B 264 -24.74 20.38 18.10
C VAL B 264 -25.36 21.60 18.76
N LYS B 265 -26.52 22.05 18.28
CA LYS B 265 -27.25 23.20 18.85
C LYS B 265 -27.23 23.08 20.39
N GLY B 266 -26.59 24.04 21.07
CA GLY B 266 -26.47 24.11 22.54
C GLY B 266 -25.31 23.30 23.10
N GLY B 267 -24.58 22.53 22.28
CA GLY B 267 -23.42 21.72 22.72
C GLY B 267 -22.12 22.48 22.56
N GLU B 268 -20.97 21.80 22.70
CA GLU B 268 -19.62 22.42 22.56
C GLU B 268 -19.05 22.16 21.17
N GLN B 269 -18.23 23.09 20.69
CA GLN B 269 -17.46 23.03 19.42
C GLN B 269 -16.25 22.11 19.60
N THR B 270 -16.55 20.83 19.76
CA THR B 270 -15.60 19.71 19.97
C THR B 270 -14.94 19.41 18.62
N THR B 271 -13.77 18.78 18.62
CA THR B 271 -13.17 18.14 17.41
C THR B 271 -12.43 16.87 17.82
N CYS B 272 -12.01 16.08 16.84
CA CYS B 272 -11.27 14.82 17.11
C CYS B 272 -9.76 15.07 17.06
N LEU B 273 -9.03 14.66 18.12
CA LEU B 273 -7.55 14.66 18.13
C LEU B 273 -7.04 13.67 17.06
N GLY B 274 -6.27 14.16 16.10
CA GLY B 274 -5.60 13.27 15.12
C GLY B 274 -4.11 13.31 15.33
N GLY B 275 -3.36 12.97 14.28
CA GLY B 275 -1.90 13.09 14.31
C GLY B 275 -1.20 11.74 14.36
N TRP B 276 0.09 11.78 14.09
CA TRP B 276 0.92 10.58 13.84
C TRP B 276 2.23 10.72 14.61
N GLU B 277 2.90 9.60 14.80
CA GLU B 277 4.15 9.53 15.58
C GLU B 277 5.07 8.51 14.92
N PHE B 278 6.37 8.64 15.16
CA PHE B 278 7.42 7.74 14.63
C PHE B 278 7.80 6.75 15.72
N GLY B 279 7.48 5.48 15.50
CA GLY B 279 7.96 4.35 16.32
C GLY B 279 9.10 3.63 15.64
N VAL B 280 10.11 3.21 16.42
CA VAL B 280 11.16 2.25 15.98
C VAL B 280 10.62 0.83 16.20
N SER B 281 10.61 0.00 15.17
CA SER B 281 10.18 -1.41 15.24
C SER B 281 11.06 -2.17 16.25
N ALA B 282 10.44 -2.92 17.16
CA ALA B 282 11.11 -3.90 18.05
C ALA B 282 11.88 -4.93 17.21
N TYR B 283 11.57 -5.09 15.92
CA TYR B 283 12.21 -6.12 15.06
C TYR B 283 13.20 -5.47 14.10
N SER B 284 13.44 -4.16 14.19
CA SER B 284 14.48 -3.52 13.34
C SER B 284 15.81 -4.15 13.73
N LYS B 285 16.66 -4.43 12.75
CA LYS B 285 18.06 -4.91 12.94
C LYS B 285 19.00 -3.69 13.01
N GLN B 286 18.45 -2.47 13.06
CA GLN B 286 19.23 -1.20 13.04
C GLN B 286 18.65 -0.24 14.08
N GLN B 287 18.46 -0.71 15.32
CA GLN B 287 17.73 0.02 16.39
C GLN B 287 18.34 1.40 16.59
N ASP B 288 19.67 1.46 16.73
CA ASP B 288 20.42 2.71 17.03
C ASP B 288 20.15 3.73 15.93
N GLU B 289 20.39 3.35 14.68
CA GLU B 289 20.32 4.30 13.53
C GLU B 289 18.87 4.72 13.26
N ALA B 290 17.89 3.88 13.61
CA ALA B 290 16.45 4.18 13.49
C ALA B 290 16.06 5.21 14.56
N LYS B 291 16.58 5.08 15.80
CA LYS B 291 16.38 6.09 16.89
C LYS B 291 16.97 7.44 16.46
N LYS B 292 18.15 7.47 15.84
CA LYS B 292 18.82 8.74 15.43
C LYS B 292 18.00 9.48 14.38
N LEU B 293 17.57 8.79 13.32
CA LEU B 293 16.64 9.33 12.29
C LEU B 293 15.34 9.79 12.97
N VAL B 294 14.71 8.96 13.80
CA VAL B 294 13.44 9.40 14.47
C VAL B 294 13.73 10.70 15.24
N GLU B 295 14.83 10.78 16.00
CA GLU B 295 15.23 12.02 16.74
C GLU B 295 15.31 13.20 15.78
N TYR B 296 15.83 13.00 14.57
CA TYR B 296 15.91 14.07 13.55
C TYR B 296 14.51 14.40 13.01
N LEU B 297 13.72 13.38 12.69
CA LEU B 297 12.37 13.56 12.09
C LEU B 297 11.44 14.24 13.10
N SER B 298 11.69 14.10 14.41
CA SER B 298 10.80 14.65 15.47
C SER B 298 11.43 15.91 16.10
N SER B 299 12.42 16.49 15.43
CA SER B 299 13.12 17.74 15.79
C SER B 299 12.27 18.94 15.38
N GLN B 300 12.42 20.08 16.06
CA GLN B 300 11.62 21.29 15.77
C GLN B 300 11.79 21.74 14.31
N ASP B 301 13.02 21.74 13.76
CA ASP B 301 13.29 22.20 12.36
C ASP B 301 12.49 21.36 11.35
N VAL B 302 12.43 20.05 11.53
CA VAL B 302 11.66 19.15 10.65
C VAL B 302 10.16 19.40 10.85
N SER B 303 9.68 19.55 12.09
CA SER B 303 8.27 19.93 12.41
C SER B 303 7.90 21.19 11.62
N LYS B 304 8.83 22.15 11.53
CA LYS B 304 8.64 23.43 10.83
C LYS B 304 8.48 23.17 9.32
N PHE B 305 9.41 22.40 8.76
CA PHE B 305 9.43 21.99 7.33
C PHE B 305 8.10 21.34 6.97
N MET B 306 7.65 20.39 7.79
CA MET B 306 6.39 19.64 7.61
C MET B 306 5.21 20.61 7.62
N ALA B 307 5.15 21.52 8.59
CA ALA B 307 4.10 22.54 8.69
C ALA B 307 4.06 23.32 7.36
N ILE B 308 5.19 23.96 7.02
CA ILE B 308 5.27 24.88 5.85
C ILE B 308 4.98 24.09 4.56
N ASN B 309 5.46 22.85 4.40
CA ASN B 309 5.47 22.19 3.06
C ASN B 309 4.27 21.26 2.85
N ALA B 310 3.56 20.87 3.92
CA ALA B 310 2.39 19.97 3.78
C ALA B 310 1.29 20.32 4.78
N ALA B 311 1.36 21.49 5.41
CA ALA B 311 0.31 22.00 6.31
C ALA B 311 -0.03 20.91 7.32
N LEU B 312 1.03 20.28 7.85
CA LEU B 312 0.96 19.35 8.99
C LEU B 312 1.13 20.17 10.27
N LEU B 313 0.22 20.01 11.25
CA LEU B 313 0.17 20.87 12.46
C LEU B 313 1.36 20.49 13.33
N PRO B 314 2.14 21.47 13.84
CA PRO B 314 3.31 21.17 14.67
C PRO B 314 3.01 20.44 16.00
N THR B 315 4.05 19.77 16.48
CA THR B 315 4.13 19.08 17.78
C THR B 315 4.74 20.03 18.81
N TYR B 316 5.32 21.15 18.34
CA TYR B 316 6.01 22.19 19.13
C TYR B 316 5.12 23.44 19.19
N ALA B 317 4.66 23.81 20.39
CA ALA B 317 3.82 24.99 20.63
C ALA B 317 4.46 26.26 20.02
N ALA B 318 5.78 26.41 20.13
CA ALA B 318 6.51 27.60 19.64
C ALA B 318 6.20 27.85 18.16
N LEU B 319 6.05 26.79 17.36
CA LEU B 319 5.93 26.85 15.87
C LEU B 319 4.60 27.47 15.42
N TYR B 320 3.52 27.36 16.22
CA TYR B 320 2.21 28.03 16.02
C TYR B 320 2.42 29.56 15.97
N LYS B 321 3.44 30.09 16.65
CA LYS B 321 3.76 31.55 16.67
C LYS B 321 4.96 31.86 15.76
N ASP B 322 5.41 30.91 14.93
CA ASP B 322 6.59 31.09 14.05
C ASP B 322 6.19 32.02 12.90
N ALA B 323 7.01 33.03 12.57
CA ALA B 323 6.75 34.04 11.51
C ALA B 323 6.64 33.37 10.13
N ASP B 324 7.45 32.35 9.86
CA ASP B 324 7.45 31.62 8.55
C ASP B 324 6.23 30.70 8.48
N VAL B 325 5.89 30.00 9.56
CA VAL B 325 4.71 29.09 9.57
C VAL B 325 3.46 29.94 9.33
N THR B 326 3.23 30.97 10.14
CA THR B 326 2.02 31.86 10.11
C THR B 326 1.96 32.61 8.77
N LYS B 327 3.10 33.05 8.25
CA LYS B 327 3.19 33.67 6.89
C LYS B 327 2.54 32.75 5.87
N THR B 328 2.88 31.46 5.86
CA THR B 328 2.50 30.55 4.74
C THR B 328 1.18 29.84 5.06
N ILE B 329 0.82 29.72 6.35
CA ILE B 329 -0.52 29.21 6.78
C ILE B 329 -1.05 30.11 7.90
N PRO B 330 -1.69 31.25 7.55
CA PRO B 330 -2.11 32.23 8.55
C PRO B 330 -2.95 31.55 9.64
N TRP B 331 -3.87 30.67 9.25
CA TRP B 331 -4.85 30.13 10.25
C TRP B 331 -4.16 29.24 11.28
N PHE B 332 -2.96 28.71 11.01
CA PHE B 332 -2.16 27.96 12.02
C PHE B 332 -1.96 28.79 13.29
N ALA B 333 -1.83 30.11 13.13
CA ALA B 333 -1.60 31.07 14.23
C ALA B 333 -2.65 30.87 15.34
N ASP B 334 -3.84 30.34 15.03
CA ASP B 334 -5.00 30.22 15.95
C ASP B 334 -5.34 28.75 16.20
N ALA B 335 -4.55 27.83 15.66
CA ALA B 335 -4.85 26.38 15.63
C ALA B 335 -4.55 25.70 16.98
N LEU B 336 -3.64 26.25 17.79
CA LEU B 336 -3.07 25.49 18.94
C LEU B 336 -4.16 25.13 19.95
N PRO B 337 -5.11 26.03 20.28
CA PRO B 337 -6.16 25.69 21.23
C PRO B 337 -7.14 24.61 20.72
N VAL B 338 -7.39 24.56 19.40
CA VAL B 338 -8.23 23.50 18.76
C VAL B 338 -7.55 22.14 18.99
N VAL B 339 -6.25 22.09 18.74
CA VAL B 339 -5.39 20.87 18.93
C VAL B 339 -5.41 20.45 20.39
N GLU B 340 -5.18 21.39 21.33
CA GLU B 340 -4.93 21.08 22.76
C GLU B 340 -6.27 20.82 23.49
N THR B 341 -7.41 21.09 22.87
CA THR B 341 -8.75 20.80 23.47
C THR B 341 -9.42 19.65 22.71
N ALA B 342 -8.81 19.19 21.61
CA ALA B 342 -9.28 18.05 20.79
C ALA B 342 -9.53 16.84 21.69
N LYS B 343 -10.69 16.22 21.59
CA LYS B 343 -10.98 14.98 22.37
C LYS B 343 -10.34 13.78 21.67
N ALA B 344 -9.90 12.80 22.47
CA ALA B 344 -9.16 11.60 22.06
C ALA B 344 -10.15 10.44 21.84
N ARG B 345 -9.97 9.69 20.76
CA ARG B 345 -10.61 8.36 20.59
C ARG B 345 -10.11 7.49 21.74
N PRO B 346 -10.82 6.39 22.09
CA PRO B 346 -10.44 5.55 23.23
C PRO B 346 -8.99 5.05 23.11
N VAL B 347 -8.28 5.03 24.23
CA VAL B 347 -6.89 4.52 24.33
C VAL B 347 -6.99 3.07 24.82
N THR B 348 -6.77 2.10 23.93
CA THR B 348 -6.86 0.64 24.23
C THR B 348 -5.99 -0.16 23.26
N PRO B 349 -5.42 -1.29 23.74
CA PRO B 349 -4.76 -2.26 22.85
C PRO B 349 -5.74 -2.92 21.87
N ARG B 350 -7.02 -2.96 22.21
CA ARG B 350 -8.09 -3.61 21.44
C ARG B 350 -8.73 -2.57 20.52
N TYR B 351 -7.96 -1.55 20.11
CA TYR B 351 -8.48 -0.34 19.43
C TYR B 351 -9.11 -0.71 18.08
N ASN B 352 -8.54 -1.69 17.37
CA ASN B 352 -8.96 -2.08 16.00
C ASN B 352 -10.37 -2.68 16.02
N GLU B 353 -10.75 -3.41 17.08
CA GLU B 353 -12.13 -3.94 17.26
C GLU B 353 -13.10 -2.78 17.55
N VAL B 354 -12.68 -1.77 18.31
CA VAL B 354 -13.47 -0.52 18.59
C VAL B 354 -13.71 0.21 17.27
N SER B 355 -12.65 0.58 16.57
CA SER B 355 -12.70 1.29 15.27
C SER B 355 -13.64 0.52 14.34
N GLU B 356 -13.43 -0.78 14.23
CA GLU B 356 -14.21 -1.64 13.31
C GLU B 356 -15.69 -1.52 13.69
N THR B 357 -16.04 -1.63 14.98
CA THR B 357 -17.47 -1.57 15.40
C THR B 357 -18.05 -0.20 15.04
N ILE B 358 -17.35 0.88 15.38
CA ILE B 358 -17.92 2.25 15.17
C ILE B 358 -18.03 2.50 13.66
N ARG B 359 -16.95 2.35 12.90
CA ARG B 359 -16.92 2.80 11.49
C ARG B 359 -17.93 1.97 10.66
N THR B 360 -18.13 0.68 10.95
CA THR B 360 -19.08 -0.18 10.16
C THR B 360 -20.53 0.21 10.50
N THR B 361 -20.80 0.61 11.75
CA THR B 361 -22.11 1.15 12.21
C THR B 361 -22.38 2.47 11.48
N VAL B 362 -21.45 3.41 11.53
CA VAL B 362 -21.60 4.72 10.82
C VAL B 362 -21.93 4.43 9.36
N ASN B 363 -21.14 3.56 8.70
CA ASN B 363 -21.29 3.29 7.25
C ASN B 363 -22.62 2.58 6.97
N GLY B 364 -22.98 1.60 7.82
CA GLY B 364 -24.23 0.83 7.67
C GLY B 364 -25.44 1.73 7.70
N VAL B 365 -25.50 2.60 8.71
CA VAL B 365 -26.59 3.60 8.88
C VAL B 365 -26.66 4.49 7.65
N LEU B 366 -25.54 5.05 7.19
CA LEU B 366 -25.55 6.01 6.04
C LEU B 366 -25.78 5.24 4.73
N ALA B 367 -25.46 3.95 4.69
CA ALA B 367 -25.74 3.10 3.51
C ALA B 367 -27.22 2.64 3.55
N GLY B 368 -27.91 2.79 4.67
CA GLY B 368 -29.33 2.42 4.80
C GLY B 368 -29.49 0.96 5.18
N VAL B 369 -28.36 0.28 5.43
CA VAL B 369 -28.27 -1.15 5.87
C VAL B 369 -29.01 -1.27 7.21
N MET B 370 -28.95 -0.23 8.03
CA MET B 370 -29.52 -0.26 9.40
C MET B 370 -30.00 1.12 9.82
N THR B 371 -30.88 1.10 10.82
CA THR B 371 -31.50 2.29 11.45
C THR B 371 -30.52 2.85 12.47
N PRO B 372 -30.50 4.17 12.67
CA PRO B 372 -29.75 4.77 13.78
C PRO B 372 -29.87 3.93 15.06
N GLU B 373 -31.11 3.64 15.46
CA GLU B 373 -31.47 2.97 16.72
C GLU B 373 -30.80 1.59 16.77
N ASP B 374 -30.90 0.80 15.68
CA ASP B 374 -30.28 -0.54 15.56
C ASP B 374 -28.74 -0.45 15.68
N GLY B 375 -28.10 0.56 15.06
CA GLY B 375 -26.63 0.69 15.03
C GLY B 375 -26.09 1.04 16.41
N ALA B 376 -26.77 1.98 17.07
CA ALA B 376 -26.56 2.35 18.49
C ALA B 376 -26.59 1.09 19.37
N LYS B 377 -27.55 0.18 19.17
CA LYS B 377 -27.67 -1.06 20.00
C LYS B 377 -26.59 -2.07 19.57
N GLN B 378 -26.33 -2.24 18.27
CA GLN B 378 -25.21 -3.09 17.80
C GLN B 378 -23.90 -2.54 18.37
N MET B 379 -23.67 -1.24 18.22
CA MET B 379 -22.38 -0.61 18.60
C MET B 379 -22.12 -0.85 20.09
N GLU B 380 -23.08 -0.45 20.92
CA GLU B 380 -23.01 -0.55 22.40
C GLU B 380 -22.67 -2.00 22.78
N SER B 381 -23.46 -2.93 22.26
CA SER B 381 -23.32 -4.40 22.47
C SER B 381 -21.89 -4.86 22.15
N ARG B 382 -21.31 -4.44 21.01
CA ARG B 382 -19.92 -4.85 20.60
C ARG B 382 -18.89 -4.15 21.48
N LEU B 383 -19.04 -2.84 21.69
CA LEU B 383 -18.11 -2.03 22.53
C LEU B 383 -18.08 -2.55 23.98
N ARG B 384 -19.24 -3.00 24.49
CA ARG B 384 -19.43 -3.61 25.84
C ARG B 384 -18.41 -4.73 26.03
N ARG B 385 -18.25 -5.57 25.00
CA ARG B 385 -17.29 -6.70 24.95
C ARG B 385 -15.85 -6.17 24.89
N VAL B 386 -15.56 -5.21 24.00
CA VAL B 386 -14.16 -4.83 23.62
C VAL B 386 -13.54 -3.96 24.74
N LEU B 387 -14.23 -2.93 25.21
CA LEU B 387 -13.69 -1.93 26.18
C LEU B 387 -14.04 -2.36 27.61
C10 CQI C . 9.75 -5.21 -1.08
C11 CQI C . 9.72 -5.11 -2.61
C12 CQI C . 9.63 -6.42 -3.43
O1 CQI C . 6.95 -3.98 -8.16
O2 CQI C . 6.34 -6.02 -7.60
O3 CQI C . 5.67 -6.15 -10.83
C13 CQI C . 8.63 -6.41 -4.65
C14 CQI C . 8.61 -5.11 -5.47
C15 CQI C . 8.58 -5.30 -6.99
C16 CQI C . 7.23 -5.02 -7.64
C17 CQI C . 6.27 -6.90 -8.77
C18 CQI C . 5.13 -6.33 -9.52
C19 CQI C . 5.17 -5.09 -11.43
C20 CQI C . 6.19 -4.45 -12.36
C21 CQI C . 6.91 -3.29 -11.75
C22 CQI C . 6.92 -2.03 -12.61
C23 CQI C . 6.11 -8.39 -8.66
C24 CQI C . 6.57 -10.12 -10.26
C25 CQI C . 5.87 -11.28 -8.27
O4 CQI C . 4.07 -4.74 -11.16
O5 CQI C . 5.81 -8.97 -9.97
O6 CQI C . 6.94 -10.70 -9.04
C26 CQI C . 6.49 -11.75 -6.97
S1 CQI C . 6.66 -10.53 -5.70
O7 CQI C . 7.79 -9.68 -6.18
O8 CQI C . 6.76 -11.23 -4.47
O9 CQI C . 5.38 -9.75 -5.66
C27 CQI C . 5.19 -12.38 -9.07
O10 CQI C . 4.17 -12.97 -8.25
C28 CQI C . 4.64 -11.75 -10.33
O11 CQI C . 3.97 -12.70 -11.15
C29 CQI C . 5.81 -11.14 -11.11
O12 CQI C . 5.38 -10.58 -12.35
H20 CQI C . 10.51 -5.75 -0.82
H21 CQI C . 8.94 -5.69 -0.77
H23 CQI C . 8.96 -4.55 -2.86
H22 CQI C . 10.53 -4.63 -2.89
H24 CQI C . 9.38 -7.15 -2.83
H25 CQI C . 10.52 -6.63 -3.77
H26 CQI C . 7.72 -6.57 -4.30
H27 CQI C . 8.84 -7.16 -5.24
H29 CQI C . 7.82 -4.59 -5.22
H28 CQI C . 9.39 -4.57 -5.24
H30 CQI C . 8.85 -6.21 -7.20
H31 CQI C . 9.24 -4.69 -7.39
H32 CQI C . 7.09 -6.74 -9.31
H34 CQI C . 4.37 -6.95 -9.55
H33 CQI C . 4.84 -5.47 -9.15
H36 CQI C . 6.86 -5.13 -12.63
H35 CQI C . 5.73 -4.15 -13.18
H38 CQI C . 6.50 -3.07 -10.89
H37 CQI C . 7.84 -3.55 -11.58
H40 CQI C . 7.29 -1.29 -12.10
H41 CQI C . 6.01 -1.82 -12.88
H43 CQI C . 6.92 -8.78 -8.31
H42 CQI C . 5.38 -8.59 -8.06
H44 CQI C . 7.38 -9.85 -10.74
H45 CQI C . 5.20 -10.59 -8.06
H46 CQI C . 7.38 -12.12 -7.18
H47 CQI C . 5.96 -12.50 -6.63
H49 CQI C . 5.86 -13.07 -9.31
H50 CQI C . 3.60 -12.39 -8.04
H51 CQI C . 4.01 -11.03 -10.08
H52 CQI C . 3.67 -12.31 -11.84
H53 CQI C . 6.44 -11.87 -11.32
H54 CQI C . 6.04 -10.26 -12.74
H48 CQI C . 4.99 -9.84 -4.98
H2 CQI C . 7.47 -2.18 -13.40
N GLY D . 35.08 -16.77 -1.10
CA GLY D . 34.36 -17.77 -1.93
C GLY D . 33.43 -18.62 -1.08
O GLY D . 33.81 -19.00 0.03
OXT GLY D . 32.31 -18.91 -1.47
H1 GLY D . 35.94 -16.69 -1.40
H2 GLY D . 35.09 -17.05 -0.19
H3 GLY D . 34.65 -15.91 -1.17
HA2 GLY D . 33.83 -17.30 -2.63
HA3 GLY D . 35.01 -18.35 -2.38
C10 CQI E . -9.15 7.93 1.85
C11 CQI E . -8.48 8.93 2.72
C12 CQI E . -7.69 8.34 3.91
O1 CQI E . -2.78 11.28 3.96
O2 CQI E . -3.99 10.06 5.42
O3 CQI E . -2.11 12.65 6.92
C13 CQI E . -6.46 9.10 4.31
C14 CQI E . -6.37 10.57 3.90
C15 CQI E . -5.01 10.96 3.34
C16 CQI E . -3.84 10.77 4.27
C17 CQI E . -3.61 10.70 6.72
C18 CQI E . -3.44 12.18 6.58
C19 CQI E . -1.08 11.87 6.70
C20 CQI E . -0.06 12.50 5.75
C21 CQI E . -0.42 13.83 5.18
C22 CQI E . 0.67 14.29 4.23
C23 CQI E . -4.72 10.41 7.74
C24 CQI E . -5.78 11.62 9.50
C25 CQI E . -7.55 10.00 10.15
O4 CQI E . -0.94 10.85 7.25
O5 CQI E . -4.58 11.08 9.00
O6 CQI E . -6.84 10.71 9.16
C26 CQI E . -8.37 8.84 9.57
S1 CQI E . -8.21 8.24 7.91
O7 CQI E . -7.00 7.45 7.93
O8 CQI E . -8.26 9.30 6.98
O9 CQI E . -9.42 7.30 7.95
C27 CQI E . -6.63 9.65 11.25
O10 CQI E . -7.30 8.76 12.13
C28 CQI E . -6.31 10.92 11.95
O11 CQI E . -5.51 10.69 13.10
C29 CQI E . -5.67 11.96 10.99
O12 CQI E . -4.33 12.29 11.33
H20 CQI E . -9.55 7.24 2.41
H21 CQI E . -9.89 8.39 1.38
H23 CQI E . -7.87 9.45 2.16
H22 CQI E . -9.16 9.53 3.07
H24 CQI E . -7.43 7.43 3.69
H25 CQI E . -8.30 8.29 4.68
H26 CQI E . -5.69 8.63 3.93
H27 CQI E . -6.37 9.04 5.29
H29 CQI E . -7.06 10.76 3.23
H28 CQI E . -6.56 11.12 4.69
H30 CQI E . -5.05 11.91 3.08
H31 CQI E . -4.85 10.44 2.52
H32 CQI E . -2.78 10.29 7.06
H34 CQI E . -3.64 12.46 5.66
H33 CQI E . -4.08 12.64 7.16
H36 CQI E . 0.78 12.59 6.23
H35 CQI E . 0.09 11.88 5.02
H38 CQI E . -1.27 13.77 4.69
H37 CQI E . -0.53 14.49 5.90
H40 CQI E . 0.76 13.65 3.50
H41 CQI E . 1.51 14.37 4.71
H43 CQI E . -5.57 10.67 7.34
H42 CQI E . -4.76 9.45 7.90
H44 CQI E . -5.95 12.45 9.02
H45 CQI E . -8.23 10.62 10.51
H46 CQI E . -9.30 9.06 9.71
H47 CQI E . -8.24 8.08 10.17
H49 CQI E . -5.82 9.23 10.90
H50 CQI E . -7.51 8.06 11.72
H51 CQI E . -7.17 11.31 12.28
H52 CQI E . -5.35 11.46 13.49
H53 CQI E . -6.18 12.79 11.12
H54 CQI E . -4.04 12.86 10.79
H48 CQI E . -9.98 7.52 7.44
C9 CQI E . -8.28 7.27 0.81
C8 CQI E . -8.84 7.29 -0.58
H16 CQI E . -8.80 8.34 -0.79
H17 CQI E . -9.76 6.96 -0.55
H18 CQI E . -7.40 7.70 0.80
H19 CQI E . -8.13 6.33 1.07
H39 CQI E . 0.43 15.16 3.86
#